data_2E40
#
_entry.id   2E40
#
_cell.length_a   65.789
_cell.length_b   120.081
_cell.length_c   133.041
_cell.angle_alpha   90.00
_cell.angle_beta   90.00
_cell.angle_gamma   90.00
#
_symmetry.space_group_name_H-M   'P 21 21 21'
#
loop_
_entity.id
_entity.type
_entity.pdbx_description
1 polymer Beta-glucosidase
2 non-polymer D-glucono-1,5-lactone
3 water water
#
_entity_poly.entity_id   1
_entity_poly.type   'polypeptide(L)'
_entity_poly.pdbx_seq_one_letter_code
;LALMSAAKLPKSFVWGYATAAYQIEGSPDKDGREPSIWDTFCKAPGKIADGSSGDVATDSYNRWREDVQLLKSYGVKAYR
FSLSWSRIIPKGGRSDPVNGAGIKHYRTLIEELVKEGITPFVTLYHWDLPQALDDRYGGWLNKEEAIQDFTNYAKLCFES
FGDLVQNWITFNEPWVISVMGYGNGIFAPGHVSNTEPWIVSHHIILAHAHAVKLYRDEFKEKQGGQIGITLDSHWLIPYD
DTDASKEATLRAMEFKLGRFANPIYKGEYPPRIKKILGDRLPEFTPEEIELVKGSSDFFGLNTYTTHLVQDGGSDELAGF
VKTGHTRADGTQLGTQSDMGWLQTYGPGFRWLLNYLWKAYDKPVYVTENGFPVKGENDLPVEQAVDDTDRQAYYRDYTEA
LLQAVTEDGADVRGYFGWSLLDNFEWAEGYKVRFGVTHVDYETQKRTPKKSAEFLSRWFKEHIEE
;
_entity_poly.pdbx_strand_id   A,B
#
# COMPACT_ATOMS: atom_id res chain seq x y z
N ALA A 7 4.20 -35.28 -37.11
CA ALA A 7 5.35 -34.67 -36.38
C ALA A 7 5.27 -35.01 -34.90
N LYS A 8 6.42 -35.27 -34.29
CA LYS A 8 6.47 -35.60 -32.87
C LYS A 8 7.55 -34.86 -32.12
N LEU A 9 7.28 -34.57 -30.85
CA LEU A 9 8.24 -33.90 -30.00
C LEU A 9 9.27 -34.94 -29.64
N PRO A 10 10.50 -34.52 -29.28
CA PRO A 10 11.53 -35.50 -28.93
C PRO A 10 11.16 -36.31 -27.70
N LYS A 11 11.71 -37.52 -27.62
CA LYS A 11 11.45 -38.42 -26.51
C LYS A 11 11.72 -37.79 -25.15
N SER A 12 12.66 -36.85 -25.09
CA SER A 12 13.00 -36.18 -23.84
C SER A 12 11.95 -35.20 -23.35
N PHE A 13 11.01 -34.83 -24.22
CA PHE A 13 9.97 -33.87 -23.85
C PHE A 13 9.13 -34.37 -22.69
N VAL A 14 8.85 -33.50 -21.72
CA VAL A 14 8.03 -33.89 -20.57
C VAL A 14 6.71 -33.14 -20.56
N TRP A 15 5.65 -33.83 -20.18
CA TRP A 15 4.33 -33.22 -20.09
C TRP A 15 3.68 -33.71 -18.80
N GLY A 16 2.72 -32.95 -18.31
CA GLY A 16 2.04 -33.32 -17.10
C GLY A 16 1.10 -32.21 -16.68
N TYR A 17 0.87 -32.10 -15.38
CA TYR A 17 -0.02 -31.08 -14.84
C TYR A 17 0.66 -30.30 -13.75
N ALA A 18 0.08 -29.16 -13.40
CA ALA A 18 0.62 -28.30 -12.36
C ALA A 18 -0.44 -27.94 -11.33
N THR A 19 0.01 -27.71 -10.11
CA THR A 19 -0.85 -27.32 -8.99
C THR A 19 0.01 -26.39 -8.12
N ALA A 20 -0.61 -25.78 -7.12
CA ALA A 20 0.08 -24.91 -6.18
C ALA A 20 -0.41 -25.34 -4.79
N ALA A 21 0.49 -25.33 -3.81
CA ALA A 21 0.17 -25.78 -2.46
C ALA A 21 -1.11 -25.22 -1.82
N TYR A 22 -1.21 -23.90 -1.72
CA TYR A 22 -2.39 -23.33 -1.07
C TYR A 22 -3.68 -23.61 -1.83
N GLN A 23 -3.56 -23.75 -3.15
CA GLN A 23 -4.74 -23.99 -3.98
C GLN A 23 -5.38 -25.38 -3.87
N ILE A 24 -4.62 -26.36 -3.40
CA ILE A 24 -5.12 -27.73 -3.30
C ILE A 24 -4.98 -28.47 -1.97
N GLU A 25 -3.99 -28.11 -1.16
CA GLU A 25 -3.73 -28.85 0.07
C GLU A 25 -4.71 -28.92 1.23
N GLY A 26 -5.21 -27.77 1.68
CA GLY A 26 -6.09 -27.80 2.83
C GLY A 26 -5.19 -28.07 4.03
N SER A 27 -5.72 -28.67 5.09
CA SER A 27 -4.94 -28.97 6.29
C SER A 27 -3.97 -27.82 6.59
N PRO A 28 -4.50 -26.58 6.71
CA PRO A 28 -3.72 -25.37 6.99
C PRO A 28 -2.89 -25.34 8.27
N ASP A 29 -3.28 -26.12 9.27
CA ASP A 29 -2.53 -26.14 10.53
C ASP A 29 -2.13 -27.55 10.94
N LYS A 30 -2.23 -28.49 10.00
CA LYS A 30 -1.88 -29.87 10.28
C LYS A 30 -0.37 -30.08 10.24
N ASP A 31 0.10 -31.02 11.04
CA ASP A 31 1.52 -31.36 11.11
C ASP A 31 2.47 -30.16 11.24
N GLY A 32 2.15 -29.24 12.14
CA GLY A 32 3.01 -28.09 12.37
C GLY A 32 2.97 -26.91 11.42
N ARG A 33 2.12 -26.94 10.40
CA ARG A 33 2.09 -25.79 9.49
C ARG A 33 1.54 -24.56 10.19
N GLU A 34 2.17 -23.43 9.95
CA GLU A 34 1.70 -22.17 10.51
C GLU A 34 1.19 -21.34 9.34
N PRO A 35 0.39 -20.31 9.60
CA PRO A 35 -0.19 -19.44 8.56
C PRO A 35 0.74 -18.79 7.54
N SER A 36 0.22 -18.67 6.32
CA SER A 36 0.92 -17.99 5.23
C SER A 36 0.07 -16.73 5.06
N ILE A 37 0.59 -15.76 4.30
CA ILE A 37 -0.16 -14.53 4.09
C ILE A 37 -1.49 -14.79 3.40
N TRP A 38 -1.61 -15.91 2.69
CA TRP A 38 -2.88 -16.21 2.04
C TRP A 38 -3.93 -16.71 3.03
N ASP A 39 -3.49 -17.39 4.08
CA ASP A 39 -4.43 -17.86 5.11
C ASP A 39 -5.05 -16.61 5.74
N THR A 40 -4.19 -15.63 6.02
CA THR A 40 -4.60 -14.36 6.62
C THR A 40 -5.53 -13.58 5.68
N PHE A 41 -5.12 -13.48 4.43
CA PHE A 41 -5.87 -12.76 3.41
C PHE A 41 -7.31 -13.28 3.28
N CYS A 42 -7.47 -14.60 3.30
CA CYS A 42 -8.81 -15.19 3.16
C CYS A 42 -9.74 -14.96 4.35
N LYS A 43 -9.21 -14.39 5.43
CA LYS A 43 -10.04 -14.12 6.59
C LYS A 43 -10.50 -12.67 6.58
N ALA A 44 -10.04 -11.93 5.57
CA ALA A 44 -10.42 -10.53 5.41
C ALA A 44 -11.67 -10.45 4.54
N PRO A 45 -12.73 -9.81 5.06
CA PRO A 45 -13.98 -9.70 4.30
C PRO A 45 -13.84 -8.98 2.96
N GLY A 46 -14.57 -9.49 1.96
CA GLY A 46 -14.54 -8.88 0.65
C GLY A 46 -13.35 -9.19 -0.23
N LYS A 47 -12.33 -9.86 0.32
CA LYS A 47 -11.14 -10.19 -0.47
C LYS A 47 -11.32 -11.38 -1.40
N ILE A 48 -12.11 -12.37 -1.00
CA ILE A 48 -12.34 -13.53 -1.85
C ILE A 48 -13.79 -13.48 -2.33
N ALA A 49 -13.98 -13.50 -3.64
CA ALA A 49 -15.29 -13.41 -4.27
C ALA A 49 -16.42 -14.22 -3.64
N ASP A 50 -16.18 -15.50 -3.38
CA ASP A 50 -17.20 -16.35 -2.78
C ASP A 50 -17.02 -16.55 -1.28
N GLY A 51 -16.20 -15.70 -0.67
CA GLY A 51 -15.96 -15.78 0.76
C GLY A 51 -15.33 -17.08 1.22
N SER A 52 -14.65 -17.77 0.31
CA SER A 52 -14.00 -19.04 0.65
C SER A 52 -12.53 -18.86 1.05
N SER A 53 -11.86 -19.97 1.29
CA SER A 53 -10.46 -19.97 1.66
C SER A 53 -9.85 -21.28 1.25
N GLY A 54 -8.55 -21.44 1.49
CA GLY A 54 -7.88 -22.69 1.16
C GLY A 54 -7.86 -23.62 2.35
N ASP A 55 -8.75 -23.40 3.32
CA ASP A 55 -8.81 -24.25 4.52
C ASP A 55 -8.99 -25.73 4.20
N VAL A 56 -9.71 -26.04 3.13
CA VAL A 56 -9.93 -27.43 2.73
C VAL A 56 -9.46 -27.67 1.31
N ALA A 57 -9.91 -26.84 0.38
CA ALA A 57 -9.54 -26.97 -1.03
C ALA A 57 -9.86 -28.37 -1.50
N THR A 58 -8.92 -29.03 -2.15
CA THR A 58 -9.14 -30.39 -2.63
C THR A 58 -8.60 -31.42 -1.64
N ASP A 59 -8.31 -30.96 -0.42
CA ASP A 59 -7.83 -31.84 0.64
C ASP A 59 -6.65 -32.68 0.15
N SER A 60 -5.84 -32.11 -0.74
CA SER A 60 -4.70 -32.82 -1.31
C SER A 60 -3.51 -33.08 -0.39
N TYR A 61 -3.46 -32.43 0.77
CA TYR A 61 -2.37 -32.70 1.69
C TYR A 61 -2.63 -34.10 2.22
N ASN A 62 -3.88 -34.39 2.55
CA ASN A 62 -4.26 -35.70 3.06
C ASN A 62 -4.42 -36.73 1.94
N ARG A 63 -4.93 -36.29 0.80
CA ARG A 63 -5.16 -37.18 -0.34
C ARG A 63 -4.02 -37.14 -1.36
N TRP A 64 -2.81 -36.88 -0.90
CA TRP A 64 -1.67 -36.81 -1.79
C TRP A 64 -1.46 -38.10 -2.57
N ARG A 65 -1.69 -39.24 -1.92
CA ARG A 65 -1.52 -40.53 -2.59
C ARG A 65 -2.47 -40.64 -3.77
N GLU A 66 -3.73 -40.32 -3.53
CA GLU A 66 -4.76 -40.39 -4.55
C GLU A 66 -4.39 -39.51 -5.74
N ASP A 67 -3.87 -38.32 -5.47
CA ASP A 67 -3.48 -37.42 -6.54
C ASP A 67 -2.37 -38.04 -7.38
N VAL A 68 -1.41 -38.69 -6.73
CA VAL A 68 -0.32 -39.34 -7.48
C VAL A 68 -0.86 -40.46 -8.35
N GLN A 69 -1.78 -41.25 -7.80
CA GLN A 69 -2.37 -42.35 -8.57
C GLN A 69 -3.12 -41.79 -9.78
N LEU A 70 -3.75 -40.63 -9.58
CA LEU A 70 -4.50 -39.97 -10.65
C LEU A 70 -3.52 -39.56 -11.75
N LEU A 71 -2.41 -38.96 -11.36
CA LEU A 71 -1.39 -38.52 -12.31
C LEU A 71 -0.87 -39.74 -13.09
N LYS A 72 -0.62 -40.83 -12.37
CA LYS A 72 -0.12 -42.04 -13.00
C LYS A 72 -1.14 -42.58 -14.01
N SER A 73 -2.42 -42.57 -13.62
CA SER A 73 -3.48 -43.07 -14.49
C SER A 73 -3.59 -42.22 -15.76
N TYR A 74 -3.13 -40.98 -15.69
CA TYR A 74 -3.17 -40.07 -16.84
C TYR A 74 -1.96 -40.25 -17.76
N GLY A 75 -0.99 -41.01 -17.28
CA GLY A 75 0.21 -41.25 -18.07
C GLY A 75 1.15 -40.08 -18.18
N VAL A 76 1.10 -39.15 -17.22
CA VAL A 76 1.97 -37.99 -17.27
C VAL A 76 3.43 -38.40 -17.10
N LYS A 77 4.34 -37.58 -17.61
CA LYS A 77 5.76 -37.86 -17.49
C LYS A 77 6.32 -37.03 -16.33
N ALA A 78 5.60 -35.96 -15.97
CA ALA A 78 6.05 -35.09 -14.89
C ALA A 78 4.90 -34.44 -14.15
N TYR A 79 5.20 -33.90 -12.98
CA TYR A 79 4.20 -33.22 -12.17
C TYR A 79 4.82 -32.00 -11.50
N ARG A 80 4.20 -30.84 -11.71
CA ARG A 80 4.68 -29.61 -11.11
C ARG A 80 3.78 -29.25 -9.93
N PHE A 81 4.39 -29.06 -8.77
CA PHE A 81 3.64 -28.70 -7.57
C PHE A 81 4.51 -27.75 -6.78
N SER A 82 3.96 -27.09 -5.77
CA SER A 82 4.76 -26.17 -4.99
C SER A 82 4.86 -26.60 -3.53
N LEU A 83 5.86 -26.08 -2.84
CA LEU A 83 6.08 -26.41 -1.44
C LEU A 83 5.55 -25.26 -0.59
N SER A 84 4.78 -25.59 0.44
CA SER A 84 4.28 -24.57 1.34
C SER A 84 5.42 -24.25 2.29
N TRP A 85 6.03 -23.08 2.09
CA TRP A 85 7.14 -22.61 2.90
C TRP A 85 6.84 -22.78 4.39
N SER A 86 5.63 -22.42 4.81
CA SER A 86 5.27 -22.49 6.23
C SER A 86 5.01 -23.90 6.77
N ARG A 87 5.25 -24.92 5.95
CA ARG A 87 5.11 -26.31 6.40
C ARG A 87 6.52 -26.81 6.70
N ILE A 88 7.50 -26.23 6.02
CA ILE A 88 8.92 -26.61 6.14
C ILE A 88 9.62 -25.80 7.24
N ILE A 89 9.38 -24.50 7.26
CA ILE A 89 9.90 -23.60 8.29
C ILE A 89 8.65 -22.78 8.59
N PRO A 90 7.82 -23.25 9.54
CA PRO A 90 6.57 -22.58 9.93
C PRO A 90 6.60 -21.07 10.02
N LYS A 91 7.59 -20.51 10.70
CA LYS A 91 7.70 -19.07 10.83
C LYS A 91 8.50 -18.49 9.68
N GLY A 92 9.11 -19.38 8.88
CA GLY A 92 9.85 -18.98 7.70
C GLY A 92 11.29 -18.50 7.76
N GLY A 93 11.73 -17.99 8.90
CA GLY A 93 13.08 -17.48 9.01
C GLY A 93 14.25 -18.44 9.15
N ARG A 94 15.44 -17.96 8.81
CA ARG A 94 16.66 -18.75 8.87
C ARG A 94 17.02 -19.19 10.28
N SER A 95 16.49 -18.51 11.28
CA SER A 95 16.76 -18.86 12.67
C SER A 95 15.54 -19.47 13.35
N ASP A 96 14.47 -19.68 12.59
CA ASP A 96 13.25 -20.27 13.12
C ASP A 96 13.33 -21.79 13.07
N PRO A 97 12.58 -22.48 13.95
CA PRO A 97 12.54 -23.93 14.03
C PRO A 97 12.10 -24.58 12.71
N VAL A 98 12.81 -25.62 12.31
CA VAL A 98 12.48 -26.36 11.09
C VAL A 98 11.43 -27.41 11.48
N ASN A 99 10.49 -27.67 10.58
CA ASN A 99 9.43 -28.64 10.85
C ASN A 99 9.64 -29.97 10.12
N GLY A 100 10.23 -30.94 10.83
CA GLY A 100 10.49 -32.23 10.25
C GLY A 100 9.30 -32.92 9.59
N ALA A 101 8.13 -32.82 10.21
CA ALA A 101 6.93 -33.44 9.66
C ALA A 101 6.54 -32.88 8.30
N GLY A 102 6.68 -31.56 8.13
CA GLY A 102 6.34 -30.95 6.87
C GLY A 102 7.29 -31.40 5.78
N ILE A 103 8.58 -31.44 6.10
CA ILE A 103 9.60 -31.87 5.15
C ILE A 103 9.35 -33.32 4.75
N LYS A 104 9.07 -34.16 5.75
CA LYS A 104 8.82 -35.57 5.49
C LYS A 104 7.63 -35.76 4.56
N HIS A 105 6.59 -34.95 4.76
CA HIS A 105 5.41 -35.05 3.92
C HIS A 105 5.77 -34.90 2.45
N TYR A 106 6.51 -33.84 2.12
CA TYR A 106 6.91 -33.60 0.75
C TYR A 106 7.93 -34.61 0.25
N ARG A 107 8.81 -35.08 1.15
CA ARG A 107 9.80 -36.07 0.77
C ARG A 107 9.08 -37.35 0.34
N THR A 108 8.07 -37.73 1.11
CA THR A 108 7.29 -38.93 0.83
C THR A 108 6.53 -38.78 -0.49
N LEU A 109 5.96 -37.60 -0.72
CA LEU A 109 5.21 -37.34 -1.95
C LEU A 109 6.14 -37.48 -3.15
N ILE A 110 7.32 -36.88 -3.05
CA ILE A 110 8.30 -36.93 -4.12
C ILE A 110 8.77 -38.37 -4.36
N GLU A 111 8.97 -39.12 -3.29
CA GLU A 111 9.41 -40.51 -3.42
C GLU A 111 8.36 -41.36 -4.11
N GLU A 112 7.09 -41.01 -3.91
CA GLU A 112 6.00 -41.75 -4.55
C GLU A 112 6.03 -41.44 -6.05
N LEU A 113 6.35 -40.18 -6.37
CA LEU A 113 6.43 -39.77 -7.77
C LEU A 113 7.57 -40.54 -8.43
N VAL A 114 8.68 -40.68 -7.71
CA VAL A 114 9.84 -41.41 -8.23
C VAL A 114 9.48 -42.88 -8.47
N LYS A 115 8.78 -43.49 -7.52
CA LYS A 115 8.40 -44.90 -7.64
C LYS A 115 7.45 -45.10 -8.83
N GLU A 116 6.67 -44.08 -9.14
CA GLU A 116 5.73 -44.15 -10.25
C GLU A 116 6.33 -43.69 -11.59
N GLY A 117 7.60 -43.29 -11.55
CA GLY A 117 8.27 -42.84 -12.76
C GLY A 117 7.86 -41.46 -13.25
N ILE A 118 7.38 -40.63 -12.34
CA ILE A 118 6.94 -39.28 -12.69
C ILE A 118 7.97 -38.26 -12.20
N THR A 119 8.45 -37.42 -13.12
CA THR A 119 9.45 -36.42 -12.81
C THR A 119 8.90 -35.23 -12.04
N PRO A 120 9.44 -34.95 -10.86
CA PRO A 120 8.93 -33.82 -10.10
C PRO A 120 9.54 -32.46 -10.49
N PHE A 121 8.67 -31.48 -10.68
CA PHE A 121 9.08 -30.10 -10.98
C PHE A 121 8.59 -29.35 -9.76
N VAL A 122 9.54 -28.86 -8.96
CA VAL A 122 9.19 -28.20 -7.70
C VAL A 122 9.33 -26.69 -7.65
N THR A 123 8.23 -26.03 -7.35
CA THR A 123 8.17 -24.58 -7.23
C THR A 123 8.40 -24.28 -5.75
N LEU A 124 9.46 -23.54 -5.44
CA LEU A 124 9.76 -23.19 -4.06
C LEU A 124 8.77 -22.19 -3.50
N TYR A 125 8.44 -21.19 -4.30
CA TYR A 125 7.53 -20.15 -3.85
C TYR A 125 6.36 -19.89 -4.78
N HIS A 126 5.17 -20.33 -4.37
CA HIS A 126 3.99 -20.07 -5.16
C HIS A 126 3.01 -19.22 -4.36
N TRP A 127 3.52 -18.09 -3.88
CA TRP A 127 2.77 -17.04 -3.17
C TRP A 127 2.45 -17.15 -1.68
N ASP A 128 2.66 -18.31 -1.09
CA ASP A 128 2.34 -18.50 0.32
C ASP A 128 3.44 -18.17 1.30
N LEU A 129 3.84 -16.90 1.33
CA LEU A 129 4.87 -16.43 2.25
C LEU A 129 4.42 -16.67 3.70
N PRO A 130 5.31 -17.19 4.55
CA PRO A 130 4.93 -17.42 5.95
C PRO A 130 4.50 -16.08 6.55
N GLN A 131 3.36 -16.07 7.22
CA GLN A 131 2.85 -14.83 7.82
C GLN A 131 3.83 -14.21 8.82
N ALA A 132 4.58 -15.04 9.54
CA ALA A 132 5.54 -14.55 10.52
C ALA A 132 6.56 -13.60 9.90
N LEU A 133 6.93 -13.86 8.65
CA LEU A 133 7.90 -13.01 7.96
C LEU A 133 7.30 -11.65 7.60
N ASP A 134 6.02 -11.64 7.28
CA ASP A 134 5.35 -10.39 6.95
C ASP A 134 5.27 -9.54 8.21
N ASP A 135 4.92 -10.17 9.33
CA ASP A 135 4.82 -9.45 10.60
C ASP A 135 6.19 -9.01 11.10
N ARG A 136 7.19 -9.87 10.93
CA ARG A 136 8.55 -9.59 11.39
C ARG A 136 9.25 -8.44 10.67
N TYR A 137 9.20 -8.43 9.34
CA TYR A 137 9.87 -7.38 8.58
C TYR A 137 9.20 -6.95 7.28
N GLY A 138 7.93 -7.31 7.11
CA GLY A 138 7.23 -6.93 5.90
C GLY A 138 7.56 -7.81 4.70
N GLY A 139 8.02 -9.02 4.97
CA GLY A 139 8.36 -9.95 3.91
C GLY A 139 9.30 -9.41 2.85
N TRP A 140 8.90 -9.58 1.58
CA TRP A 140 9.68 -9.15 0.43
C TRP A 140 10.09 -7.69 0.44
N LEU A 141 9.45 -6.90 1.28
CA LEU A 141 9.75 -5.48 1.38
C LEU A 141 11.12 -5.21 1.99
N ASN A 142 11.59 -6.13 2.83
CA ASN A 142 12.91 -5.97 3.46
C ASN A 142 13.96 -6.73 2.66
N LYS A 143 14.83 -5.99 2.00
CA LYS A 143 15.87 -6.55 1.16
C LYS A 143 16.73 -7.67 1.77
N GLU A 144 17.57 -7.34 2.73
CA GLU A 144 18.47 -8.33 3.31
C GLU A 144 17.84 -9.47 4.07
N GLU A 145 16.76 -9.21 4.80
CA GLU A 145 16.09 -10.27 5.55
C GLU A 145 15.40 -11.24 4.59
N ALA A 146 14.69 -10.69 3.60
CA ALA A 146 13.98 -11.52 2.63
C ALA A 146 14.94 -12.38 1.82
N ILE A 147 16.04 -11.79 1.38
CA ILE A 147 17.01 -12.52 0.59
C ILE A 147 17.66 -13.65 1.38
N GLN A 148 18.07 -13.36 2.60
CA GLN A 148 18.70 -14.36 3.45
C GLN A 148 17.73 -15.48 3.84
N ASP A 149 16.49 -15.12 4.16
CA ASP A 149 15.52 -16.15 4.54
C ASP A 149 15.12 -17.02 3.36
N PHE A 150 14.91 -16.42 2.19
CA PHE A 150 14.54 -17.23 1.03
C PHE A 150 15.70 -18.14 0.61
N THR A 151 16.92 -17.61 0.67
CA THR A 151 18.08 -18.40 0.30
C THR A 151 18.25 -19.57 1.25
N ASN A 152 18.00 -19.33 2.54
CA ASN A 152 18.12 -20.39 3.53
C ASN A 152 17.05 -21.45 3.26
N TYR A 153 15.84 -20.98 2.96
CA TYR A 153 14.73 -21.86 2.65
C TYR A 153 15.07 -22.71 1.43
N ALA A 154 15.61 -22.08 0.39
CA ALA A 154 15.98 -22.80 -0.82
C ALA A 154 17.03 -23.85 -0.49
N LYS A 155 18.04 -23.47 0.28
CA LYS A 155 19.10 -24.39 0.67
C LYS A 155 18.53 -25.61 1.39
N LEU A 156 17.62 -25.37 2.34
CA LEU A 156 17.01 -26.48 3.09
C LEU A 156 16.25 -27.40 2.14
N CYS A 157 15.61 -26.82 1.14
CA CYS A 157 14.87 -27.63 0.17
C CYS A 157 15.84 -28.46 -0.68
N PHE A 158 16.93 -27.85 -1.12
CA PHE A 158 17.91 -28.59 -1.93
C PHE A 158 18.45 -29.77 -1.11
N GLU A 159 18.77 -29.52 0.16
CA GLU A 159 19.30 -30.56 1.04
C GLU A 159 18.29 -31.66 1.33
N SER A 160 17.02 -31.27 1.53
CA SER A 160 15.97 -32.22 1.87
C SER A 160 15.39 -33.04 0.71
N PHE A 161 15.41 -32.50 -0.49
CA PHE A 161 14.82 -33.18 -1.63
C PHE A 161 15.69 -33.26 -2.88
N GLY A 162 16.77 -32.49 -2.90
CA GLY A 162 17.66 -32.43 -4.05
C GLY A 162 18.19 -33.70 -4.69
N ASP A 163 18.29 -34.80 -3.94
CA ASP A 163 18.80 -36.03 -4.52
C ASP A 163 17.73 -36.74 -5.34
N LEU A 164 16.49 -36.25 -5.24
CA LEU A 164 15.38 -36.83 -6.00
C LEU A 164 14.77 -35.82 -6.97
N VAL A 165 14.99 -34.54 -6.73
CA VAL A 165 14.47 -33.48 -7.60
C VAL A 165 15.59 -32.88 -8.44
N GLN A 166 15.36 -32.79 -9.75
CA GLN A 166 16.37 -32.23 -10.66
C GLN A 166 15.81 -31.08 -11.47
N ASN A 167 14.61 -30.64 -11.12
CA ASN A 167 13.95 -29.54 -11.83
C ASN A 167 13.31 -28.61 -10.81
N TRP A 168 13.98 -27.48 -10.58
CA TRP A 168 13.54 -26.49 -9.61
C TRP A 168 13.07 -25.17 -10.21
N ILE A 169 12.04 -24.60 -9.59
CA ILE A 169 11.51 -23.31 -10.00
C ILE A 169 11.53 -22.45 -8.73
N THR A 170 12.24 -21.33 -8.78
CA THR A 170 12.35 -20.47 -7.61
C THR A 170 11.03 -19.78 -7.29
N PHE A 171 10.58 -18.94 -8.22
CA PHE A 171 9.35 -18.18 -8.03
C PHE A 171 8.32 -18.41 -9.11
N ASN A 172 7.06 -18.41 -8.70
CA ASN A 172 5.99 -18.54 -9.65
C ASN A 172 5.44 -17.13 -9.85
N GLU A 173 5.67 -16.59 -11.04
CA GLU A 173 5.14 -15.29 -11.43
C GLU A 173 5.39 -14.08 -10.52
N PRO A 174 6.62 -13.55 -10.51
CA PRO A 174 6.87 -12.37 -9.67
C PRO A 174 6.01 -11.18 -10.09
N TRP A 175 5.52 -11.18 -11.34
CA TRP A 175 4.65 -10.09 -11.81
C TRP A 175 3.37 -10.08 -10.97
N VAL A 176 2.81 -11.27 -10.77
CA VAL A 176 1.58 -11.38 -9.99
C VAL A 176 1.84 -11.08 -8.52
N ILE A 177 2.90 -11.68 -8.00
CA ILE A 177 3.28 -11.48 -6.59
C ILE A 177 3.37 -9.99 -6.27
N SER A 178 4.02 -9.24 -7.15
CA SER A 178 4.22 -7.80 -6.95
C SER A 178 3.02 -6.91 -7.28
N VAL A 179 2.49 -7.06 -8.49
CA VAL A 179 1.36 -6.23 -8.90
C VAL A 179 0.08 -6.47 -8.11
N MET A 180 -0.33 -7.73 -8.03
CA MET A 180 -1.56 -8.08 -7.34
C MET A 180 -1.42 -8.04 -5.82
N GLY A 181 -0.25 -8.38 -5.31
CA GLY A 181 -0.06 -8.38 -3.87
C GLY A 181 0.33 -7.06 -3.25
N TYR A 182 1.03 -6.21 -4.00
CA TYR A 182 1.48 -4.93 -3.46
C TYR A 182 1.08 -3.69 -4.26
N GLY A 183 0.61 -3.91 -5.49
CA GLY A 183 0.21 -2.78 -6.32
C GLY A 183 -1.25 -2.40 -6.17
N ASN A 184 -2.14 -3.34 -6.43
CA ASN A 184 -3.58 -3.06 -6.34
C ASN A 184 -4.28 -3.78 -5.19
N GLY A 185 -3.50 -4.54 -4.41
CA GLY A 185 -4.04 -5.24 -3.25
C GLY A 185 -5.08 -6.32 -3.48
N ILE A 186 -5.23 -6.79 -4.71
CA ILE A 186 -6.22 -7.83 -5.01
C ILE A 186 -5.83 -9.18 -4.43
N PHE A 187 -4.53 -9.45 -4.36
CA PHE A 187 -4.02 -10.71 -3.80
C PHE A 187 -3.25 -10.40 -2.51
N ALA A 188 -2.97 -11.44 -1.73
CA ALA A 188 -2.23 -11.29 -0.48
C ALA A 188 -0.84 -10.71 -0.77
N PRO A 189 -0.31 -9.88 0.15
CA PRO A 189 -0.86 -9.45 1.44
C PRO A 189 -1.83 -8.26 1.37
N GLY A 190 -2.34 -7.98 0.17
CA GLY A 190 -3.30 -6.89 0.01
C GLY A 190 -2.80 -5.46 0.12
N HIS A 191 -1.53 -5.23 -0.21
CA HIS A 191 -0.98 -3.88 -0.15
C HIS A 191 -1.32 -3.11 -1.42
N VAL A 192 -1.36 -1.79 -1.29
CA VAL A 192 -1.66 -0.89 -2.40
C VAL A 192 -0.60 0.22 -2.37
N SER A 193 0.21 0.31 -3.41
CA SER A 193 1.27 1.31 -3.46
C SER A 193 1.86 1.47 -4.86
N ASN A 194 2.43 2.65 -5.11
CA ASN A 194 3.06 2.92 -6.41
C ASN A 194 4.55 2.67 -6.27
N THR A 195 4.96 2.17 -5.11
CA THR A 195 6.38 1.92 -4.85
C THR A 195 6.70 0.48 -4.45
N GLU A 196 5.91 -0.09 -3.53
CA GLU A 196 6.15 -1.45 -3.07
C GLU A 196 6.22 -2.52 -4.16
N PRO A 197 5.32 -2.47 -5.16
CA PRO A 197 5.42 -3.51 -6.20
C PRO A 197 6.78 -3.57 -6.88
N TRP A 198 7.38 -2.40 -7.12
CA TRP A 198 8.67 -2.35 -7.79
C TRP A 198 9.79 -2.79 -6.84
N ILE A 199 9.65 -2.46 -5.57
CA ILE A 199 10.63 -2.85 -4.57
C ILE A 199 10.56 -4.36 -4.37
N VAL A 200 9.35 -4.87 -4.22
CA VAL A 200 9.17 -6.31 -4.03
C VAL A 200 9.74 -7.08 -5.21
N SER A 201 9.48 -6.59 -6.42
CA SER A 201 9.98 -7.23 -7.62
C SER A 201 11.51 -7.27 -7.62
N HIS A 202 12.13 -6.15 -7.26
CA HIS A 202 13.58 -6.02 -7.21
C HIS A 202 14.19 -7.03 -6.24
N HIS A 203 13.61 -7.10 -5.04
CA HIS A 203 14.10 -8.03 -4.02
C HIS A 203 13.91 -9.48 -4.41
N ILE A 204 12.82 -9.78 -5.12
CA ILE A 204 12.55 -11.15 -5.55
C ILE A 204 13.55 -11.56 -6.65
N ILE A 205 13.88 -10.62 -7.54
CA ILE A 205 14.85 -10.92 -8.59
C ILE A 205 16.17 -11.28 -7.91
N LEU A 206 16.52 -10.53 -6.86
CA LEU A 206 17.76 -10.78 -6.11
C LEU A 206 17.69 -12.06 -5.29
N ALA A 207 16.55 -12.30 -4.63
CA ALA A 207 16.40 -13.52 -3.83
C ALA A 207 16.53 -14.70 -4.79
N HIS A 208 15.92 -14.57 -5.96
CA HIS A 208 15.98 -15.61 -6.96
C HIS A 208 17.43 -15.89 -7.34
N ALA A 209 18.16 -14.83 -7.70
CA ALA A 209 19.56 -14.95 -8.12
C ALA A 209 20.44 -15.58 -7.04
N HIS A 210 20.19 -15.26 -5.78
CA HIS A 210 20.97 -15.83 -4.68
C HIS A 210 20.71 -17.33 -4.57
N ALA A 211 19.45 -17.72 -4.71
CA ALA A 211 19.08 -19.12 -4.62
C ALA A 211 19.68 -19.93 -5.76
N VAL A 212 19.73 -19.32 -6.94
CA VAL A 212 20.29 -19.98 -8.12
C VAL A 212 21.81 -20.13 -8.00
N LYS A 213 22.48 -19.09 -7.54
CA LYS A 213 23.93 -19.18 -7.36
C LYS A 213 24.23 -20.26 -6.32
N LEU A 214 23.43 -20.31 -5.26
CA LEU A 214 23.61 -21.31 -4.22
C LEU A 214 23.46 -22.69 -4.83
N TYR A 215 22.41 -22.88 -5.62
CA TYR A 215 22.18 -24.18 -6.25
C TYR A 215 23.35 -24.59 -7.13
N ARG A 216 23.73 -23.72 -8.06
CA ARG A 216 24.84 -24.01 -8.97
C ARG A 216 26.15 -24.29 -8.26
N ASP A 217 26.47 -23.50 -7.25
CA ASP A 217 27.72 -23.65 -6.52
C ASP A 217 27.81 -24.85 -5.57
N GLU A 218 26.72 -25.15 -4.87
CA GLU A 218 26.73 -26.21 -3.88
C GLU A 218 25.94 -27.50 -4.12
N PHE A 219 25.02 -27.50 -5.09
CA PHE A 219 24.21 -28.69 -5.31
C PHE A 219 24.11 -29.24 -6.73
N LYS A 220 24.17 -28.34 -7.72
CA LYS A 220 24.01 -28.73 -9.11
C LYS A 220 24.92 -29.84 -9.61
N GLU A 221 26.21 -29.78 -9.28
CA GLU A 221 27.13 -30.82 -9.74
C GLU A 221 26.78 -32.19 -9.16
N LYS A 222 26.55 -32.25 -7.86
CA LYS A 222 26.22 -33.53 -7.21
C LYS A 222 24.82 -34.06 -7.54
N GLN A 223 23.84 -33.17 -7.59
CA GLN A 223 22.46 -33.60 -7.86
C GLN A 223 22.07 -33.64 -9.34
N GLY A 224 22.87 -32.98 -10.18
CA GLY A 224 22.60 -32.99 -11.61
C GLY A 224 21.28 -32.41 -12.06
N GLY A 225 20.82 -31.35 -11.42
CA GLY A 225 19.55 -30.76 -11.81
C GLY A 225 19.72 -29.39 -12.44
N GLN A 226 18.60 -28.70 -12.61
CA GLN A 226 18.60 -27.36 -13.18
C GLN A 226 17.61 -26.53 -12.38
N ILE A 227 17.76 -25.21 -12.44
CA ILE A 227 16.88 -24.33 -11.69
C ILE A 227 16.54 -23.11 -12.53
N GLY A 228 15.28 -22.68 -12.47
CA GLY A 228 14.87 -21.53 -13.24
C GLY A 228 13.74 -20.77 -12.58
N ILE A 229 13.23 -19.76 -13.26
CA ILE A 229 12.13 -18.97 -12.71
C ILE A 229 10.94 -19.03 -13.67
N THR A 230 9.73 -18.99 -13.12
CA THR A 230 8.53 -19.03 -13.95
C THR A 230 7.94 -17.63 -14.04
N LEU A 231 7.83 -17.12 -15.26
CA LEU A 231 7.29 -15.80 -15.51
C LEU A 231 6.01 -15.93 -16.34
N ASP A 232 5.04 -15.08 -16.07
CA ASP A 232 3.80 -15.15 -16.83
C ASP A 232 3.83 -14.11 -17.94
N SER A 233 3.14 -14.41 -19.04
CA SER A 233 3.10 -13.49 -20.16
C SER A 233 2.06 -13.96 -21.17
N HIS A 234 1.29 -13.02 -21.69
CA HIS A 234 0.31 -13.33 -22.73
C HIS A 234 1.10 -12.98 -23.98
N TRP A 235 0.53 -13.26 -25.15
CA TRP A 235 1.17 -12.83 -26.39
C TRP A 235 0.48 -11.48 -26.60
N LEU A 236 1.23 -10.46 -26.98
CA LEU A 236 0.63 -9.15 -27.18
C LEU A 236 0.71 -8.70 -28.63
N ILE A 237 -0.40 -8.19 -29.15
CA ILE A 237 -0.50 -7.74 -30.54
C ILE A 237 -0.96 -6.28 -30.59
N PRO A 238 -0.31 -5.44 -31.41
CA PRO A 238 -0.73 -4.04 -31.50
C PRO A 238 -2.20 -3.95 -31.91
N TYR A 239 -2.94 -3.03 -31.29
CA TYR A 239 -4.36 -2.85 -31.60
C TYR A 239 -4.54 -2.53 -33.08
N ASP A 240 -3.62 -1.74 -33.62
CA ASP A 240 -3.62 -1.36 -35.03
C ASP A 240 -2.17 -1.16 -35.42
N ASP A 241 -1.90 -0.73 -36.66
CA ASP A 241 -0.52 -0.57 -37.08
C ASP A 241 0.08 0.84 -36.92
N THR A 242 -0.50 1.65 -36.05
CA THR A 242 0.02 2.98 -35.82
C THR A 242 1.27 2.90 -34.93
N ASP A 243 2.14 3.89 -35.01
CA ASP A 243 3.36 3.89 -34.20
C ASP A 243 3.01 3.85 -32.72
N ALA A 244 1.96 4.55 -32.32
CA ALA A 244 1.54 4.59 -30.93
C ALA A 244 1.19 3.20 -30.42
N SER A 245 0.47 2.42 -31.23
CA SER A 245 0.07 1.08 -30.82
C SER A 245 1.26 0.12 -30.76
N LYS A 246 2.16 0.22 -31.74
CA LYS A 246 3.33 -0.65 -31.74
C LYS A 246 4.24 -0.36 -30.55
N GLU A 247 4.39 0.91 -30.23
CA GLU A 247 5.22 1.33 -29.10
C GLU A 247 4.56 0.93 -27.78
N ALA A 248 3.24 1.05 -27.72
CA ALA A 248 2.50 0.69 -26.51
C ALA A 248 2.62 -0.82 -26.24
N THR A 249 2.71 -1.61 -27.30
CA THR A 249 2.83 -3.05 -27.19
C THR A 249 4.22 -3.39 -26.61
N LEU A 250 5.24 -2.69 -27.09
CA LEU A 250 6.59 -2.92 -26.59
C LEU A 250 6.68 -2.49 -25.14
N ARG A 251 6.03 -1.37 -24.81
CA ARG A 251 6.03 -0.86 -23.44
C ARG A 251 5.29 -1.85 -22.53
N ALA A 252 4.19 -2.40 -23.03
CA ALA A 252 3.41 -3.36 -22.26
C ALA A 252 4.22 -4.62 -21.96
N MET A 253 4.99 -5.09 -22.95
CA MET A 253 5.81 -6.28 -22.74
C MET A 253 6.87 -6.04 -21.67
N GLU A 254 7.39 -4.82 -21.59
CA GLU A 254 8.39 -4.48 -20.59
C GLU A 254 7.78 -4.55 -19.19
N PHE A 255 6.61 -3.93 -19.02
CA PHE A 255 5.97 -3.92 -17.71
C PHE A 255 5.46 -5.26 -17.24
N LYS A 256 5.20 -6.17 -18.18
CA LYS A 256 4.71 -7.49 -17.83
C LYS A 256 5.85 -8.50 -17.68
N LEU A 257 6.68 -8.58 -18.71
CA LEU A 257 7.77 -9.55 -18.76
C LEU A 257 9.20 -9.02 -18.76
N GLY A 258 9.45 -8.01 -19.60
CA GLY A 258 10.79 -7.45 -19.69
C GLY A 258 11.46 -7.03 -18.40
N ARG A 259 10.70 -6.44 -17.48
CA ARG A 259 11.28 -5.98 -16.23
C ARG A 259 11.82 -7.11 -15.35
N PHE A 260 11.53 -8.34 -15.74
CA PHE A 260 12.01 -9.51 -15.00
C PHE A 260 12.98 -10.30 -15.87
N ALA A 261 12.58 -10.55 -17.11
CA ALA A 261 13.41 -11.32 -18.03
C ALA A 261 14.68 -10.63 -18.50
N ASN A 262 14.64 -9.31 -18.71
CA ASN A 262 15.85 -8.65 -19.18
C ASN A 262 16.95 -8.69 -18.12
N PRO A 263 16.59 -8.48 -16.84
CA PRO A 263 17.63 -8.52 -15.82
C PRO A 263 18.20 -9.94 -15.67
N ILE A 264 17.31 -10.90 -15.50
CA ILE A 264 17.69 -12.30 -15.31
C ILE A 264 18.41 -12.96 -16.49
N TYR A 265 17.98 -12.67 -17.71
CA TYR A 265 18.61 -13.28 -18.87
C TYR A 265 19.63 -12.41 -19.60
N LYS A 266 19.45 -11.09 -19.56
CA LYS A 266 20.35 -10.18 -20.26
C LYS A 266 21.24 -9.29 -19.40
N GLY A 267 20.84 -9.05 -18.15
CA GLY A 267 21.67 -8.24 -17.26
C GLY A 267 21.32 -6.80 -16.96
N GLU A 268 20.10 -6.37 -17.27
CA GLU A 268 19.71 -5.00 -17.00
C GLU A 268 18.21 -4.80 -17.11
N TYR A 269 17.68 -3.80 -16.40
CA TYR A 269 16.26 -3.49 -16.49
C TYR A 269 16.09 -2.84 -17.87
N PRO A 270 14.95 -3.07 -18.53
CA PRO A 270 14.75 -2.46 -19.85
C PRO A 270 14.61 -0.94 -19.72
N PRO A 271 14.85 -0.20 -20.83
CA PRO A 271 14.78 1.27 -20.89
C PRO A 271 13.50 2.02 -20.53
N ARG A 272 12.37 1.63 -21.11
CA ARG A 272 11.11 2.33 -20.85
C ARG A 272 10.67 2.38 -19.38
N ILE A 273 10.65 1.23 -18.72
CA ILE A 273 10.23 1.20 -17.33
C ILE A 273 11.14 2.04 -16.42
N LYS A 274 12.44 2.03 -16.68
CA LYS A 274 13.35 2.81 -15.84
C LYS A 274 13.06 4.30 -16.02
N LYS A 275 12.79 4.70 -17.26
CA LYS A 275 12.48 6.08 -17.58
C LYS A 275 11.15 6.49 -16.95
N ILE A 276 10.17 5.60 -17.00
CA ILE A 276 8.84 5.89 -16.44
C ILE A 276 8.77 5.87 -14.91
N LEU A 277 9.38 4.86 -14.28
CA LEU A 277 9.34 4.74 -12.83
C LEU A 277 10.37 5.55 -12.08
N GLY A 278 11.42 5.98 -12.79
CA GLY A 278 12.47 6.76 -12.15
C GLY A 278 13.04 6.15 -10.88
N ASP A 279 13.14 6.97 -9.83
CA ASP A 279 13.68 6.53 -8.55
C ASP A 279 12.88 5.43 -7.86
N ARG A 280 11.63 5.24 -8.30
CA ARG A 280 10.81 4.20 -7.69
C ARG A 280 11.26 2.81 -8.11
N LEU A 281 12.04 2.73 -9.18
CA LEU A 281 12.57 1.44 -9.64
C LEU A 281 14.01 1.40 -9.10
N PRO A 282 14.28 0.52 -8.13
CA PRO A 282 15.63 0.40 -7.55
C PRO A 282 16.70 0.13 -8.60
N GLU A 283 17.94 0.47 -8.25
CA GLU A 283 19.07 0.25 -9.14
C GLU A 283 19.95 -0.89 -8.63
N PHE A 284 20.30 -1.80 -9.52
CA PHE A 284 21.16 -2.92 -9.16
C PHE A 284 22.58 -2.38 -9.00
N THR A 285 23.34 -2.94 -8.06
CA THR A 285 24.73 -2.52 -7.89
C THR A 285 25.49 -3.39 -8.91
N PRO A 286 26.76 -3.05 -9.19
CA PRO A 286 27.52 -3.86 -10.15
C PRO A 286 27.57 -5.34 -9.78
N GLU A 287 27.73 -5.62 -8.48
CA GLU A 287 27.79 -7.00 -8.04
C GLU A 287 26.44 -7.70 -8.15
N GLU A 288 25.35 -6.96 -7.94
CA GLU A 288 24.02 -7.55 -8.06
C GLU A 288 23.71 -7.88 -9.52
N ILE A 289 24.04 -6.96 -10.41
CA ILE A 289 23.82 -7.16 -11.85
C ILE A 289 24.52 -8.44 -12.29
N GLU A 290 25.76 -8.59 -11.85
CA GLU A 290 26.57 -9.76 -12.17
C GLU A 290 25.92 -11.05 -11.67
N LEU A 291 25.38 -10.98 -10.46
CA LEU A 291 24.72 -12.13 -9.86
C LEU A 291 23.44 -12.49 -10.60
N VAL A 292 22.65 -11.47 -10.92
CA VAL A 292 21.38 -11.63 -11.59
C VAL A 292 21.49 -12.04 -13.06
N LYS A 293 22.42 -11.44 -13.78
CA LYS A 293 22.59 -11.77 -15.20
C LYS A 293 22.87 -13.26 -15.42
N GLY A 294 22.06 -13.89 -16.27
CA GLY A 294 22.22 -15.31 -16.56
C GLY A 294 21.85 -16.22 -15.40
N SER A 295 20.90 -15.78 -14.57
CA SER A 295 20.50 -16.58 -13.40
C SER A 295 19.33 -17.54 -13.57
N SER A 296 19.10 -18.04 -14.78
CA SER A 296 18.02 -19.01 -14.97
C SER A 296 18.43 -20.05 -16.02
N ASP A 297 18.50 -21.31 -15.61
CA ASP A 297 18.90 -22.40 -16.51
C ASP A 297 17.90 -22.65 -17.63
N PHE A 298 16.62 -22.39 -17.36
CA PHE A 298 15.57 -22.59 -18.34
C PHE A 298 14.52 -21.51 -18.16
N PHE A 299 13.75 -21.25 -19.21
CA PHE A 299 12.71 -20.23 -19.13
C PHE A 299 11.36 -20.86 -18.76
N GLY A 300 10.94 -20.65 -17.51
CA GLY A 300 9.66 -21.18 -17.09
C GLY A 300 8.60 -20.19 -17.54
N LEU A 301 7.58 -20.67 -18.23
CA LEU A 301 6.52 -19.79 -18.73
C LEU A 301 5.10 -20.25 -18.40
N ASN A 302 4.31 -19.31 -17.90
CA ASN A 302 2.91 -19.57 -17.62
C ASN A 302 2.21 -18.65 -18.62
N THR A 303 1.34 -19.21 -19.45
CA THR A 303 0.63 -18.38 -20.42
C THR A 303 -0.78 -18.93 -20.62
N TYR A 304 -1.72 -18.03 -20.92
CA TYR A 304 -3.12 -18.42 -21.07
C TYR A 304 -3.87 -17.83 -22.25
N THR A 305 -3.49 -16.63 -22.65
CA THR A 305 -4.21 -15.98 -23.74
C THR A 305 -3.37 -14.95 -24.48
N THR A 306 -4.06 -14.21 -25.35
CA THR A 306 -3.44 -13.17 -26.15
C THR A 306 -4.26 -11.90 -25.94
N HIS A 307 -3.61 -10.74 -26.01
CA HIS A 307 -4.28 -9.46 -25.83
C HIS A 307 -3.89 -8.47 -26.91
N LEU A 308 -4.82 -7.56 -27.21
CA LEU A 308 -4.58 -6.49 -28.17
C LEU A 308 -4.16 -5.31 -27.31
N VAL A 309 -3.14 -4.57 -27.73
CA VAL A 309 -2.66 -3.45 -26.94
C VAL A 309 -2.82 -2.07 -27.59
N GLN A 310 -3.33 -1.12 -26.81
CA GLN A 310 -3.52 0.25 -27.28
C GLN A 310 -2.78 1.18 -26.33
N ASP A 311 -2.35 2.31 -26.85
CA ASP A 311 -1.67 3.31 -26.03
C ASP A 311 -2.78 4.05 -25.28
N GLY A 312 -2.41 4.88 -24.30
CA GLY A 312 -3.42 5.64 -23.57
C GLY A 312 -3.98 5.08 -22.27
N GLY A 313 -3.35 4.06 -21.71
CA GLY A 313 -3.84 3.51 -20.46
C GLY A 313 -3.52 4.44 -19.30
N SER A 314 -4.30 4.38 -18.23
CA SER A 314 -4.07 5.23 -17.07
C SER A 314 -3.46 4.47 -15.90
N ASP A 315 -3.43 3.14 -16.01
CA ASP A 315 -2.88 2.30 -14.97
C ASP A 315 -1.38 2.11 -15.14
N GLU A 316 -0.60 2.64 -14.20
CA GLU A 316 0.86 2.53 -14.27
C GLU A 316 1.34 1.10 -14.10
N LEU A 317 0.59 0.30 -13.34
CA LEU A 317 0.97 -1.08 -13.09
C LEU A 317 0.97 -1.88 -14.39
N ALA A 318 0.20 -1.44 -15.38
CA ALA A 318 0.12 -2.13 -16.66
C ALA A 318 1.04 -1.46 -17.69
N GLY A 319 1.67 -0.36 -17.30
CA GLY A 319 2.55 0.34 -18.21
C GLY A 319 1.84 1.38 -19.04
N PHE A 320 0.71 1.88 -18.52
CA PHE A 320 -0.08 2.91 -19.20
C PHE A 320 -0.57 2.48 -20.58
N VAL A 321 -1.15 1.28 -20.64
CA VAL A 321 -1.67 0.77 -21.89
C VAL A 321 -3.05 0.17 -21.62
N LYS A 322 -3.81 -0.05 -22.69
CA LYS A 322 -5.11 -0.66 -22.58
C LYS A 322 -5.01 -1.99 -23.30
N THR A 323 -5.41 -3.07 -22.62
CA THR A 323 -5.36 -4.39 -23.22
C THR A 323 -6.77 -4.96 -23.25
N GLY A 324 -7.08 -5.72 -24.30
CA GLY A 324 -8.39 -6.31 -24.42
C GLY A 324 -8.43 -7.43 -25.43
N HIS A 325 -9.62 -7.96 -25.65
CA HIS A 325 -9.80 -9.07 -26.60
C HIS A 325 -10.81 -8.69 -27.67
N THR A 326 -11.02 -7.39 -27.85
CA THR A 326 -11.97 -6.88 -28.84
C THR A 326 -11.23 -6.06 -29.90
N ARG A 327 -11.27 -6.50 -31.15
CA ARG A 327 -10.61 -5.77 -32.22
C ARG A 327 -11.40 -4.52 -32.60
N ALA A 328 -10.76 -3.63 -33.34
CA ALA A 328 -11.39 -2.38 -33.77
C ALA A 328 -12.70 -2.63 -34.52
N ASP A 329 -12.80 -3.73 -35.26
CA ASP A 329 -14.01 -4.03 -35.99
C ASP A 329 -15.04 -4.76 -35.15
N GLY A 330 -14.73 -4.96 -33.87
CA GLY A 330 -15.66 -5.62 -32.96
C GLY A 330 -15.46 -7.11 -32.78
N THR A 331 -14.69 -7.74 -33.66
CA THR A 331 -14.46 -9.17 -33.55
C THR A 331 -13.66 -9.52 -32.31
N GLN A 332 -14.00 -10.63 -31.67
CA GLN A 332 -13.33 -11.10 -30.47
C GLN A 332 -12.18 -12.01 -30.87
N LEU A 333 -11.18 -12.15 -30.00
CA LEU A 333 -10.04 -13.00 -30.32
C LEU A 333 -10.41 -14.48 -30.36
N GLY A 334 -11.21 -14.92 -29.40
CA GLY A 334 -11.61 -16.32 -29.37
C GLY A 334 -12.68 -16.66 -28.36
N THR A 335 -12.92 -17.95 -28.18
CA THR A 335 -13.92 -18.47 -27.26
C THR A 335 -13.77 -17.88 -25.85
N GLN A 336 -14.89 -17.47 -25.26
CA GLN A 336 -14.87 -16.90 -23.91
C GLN A 336 -14.72 -18.00 -22.87
N SER A 337 -14.04 -17.67 -21.77
CA SER A 337 -13.85 -18.60 -20.67
C SER A 337 -14.58 -17.98 -19.49
N ASP A 338 -14.43 -18.56 -18.31
CA ASP A 338 -15.09 -18.04 -17.12
C ASP A 338 -14.53 -16.69 -16.67
N MET A 339 -13.38 -16.30 -17.22
CA MET A 339 -12.79 -15.02 -16.85
C MET A 339 -12.67 -14.15 -18.10
N GLY A 340 -13.23 -12.95 -18.03
CA GLY A 340 -13.23 -12.04 -19.16
C GLY A 340 -11.92 -11.83 -19.92
N TRP A 341 -10.82 -11.69 -19.18
CA TRP A 341 -9.54 -11.45 -19.83
C TRP A 341 -8.99 -12.64 -20.62
N LEU A 342 -9.47 -13.84 -20.29
CA LEU A 342 -8.95 -15.05 -20.92
C LEU A 342 -9.79 -15.65 -22.04
N GLN A 343 -9.33 -15.50 -23.28
CA GLN A 343 -10.00 -16.07 -24.43
C GLN A 343 -9.06 -17.06 -25.12
N THR A 344 -9.63 -18.03 -25.80
CA THR A 344 -8.85 -19.05 -26.49
C THR A 344 -8.22 -18.48 -27.76
N TYR A 345 -6.89 -18.53 -27.84
CA TYR A 345 -6.19 -18.03 -29.01
C TYR A 345 -4.87 -18.77 -29.17
N GLY A 346 -4.96 -19.98 -29.73
CA GLY A 346 -3.78 -20.81 -29.95
C GLY A 346 -2.62 -20.16 -30.68
N PRO A 347 -2.88 -19.42 -31.78
CA PRO A 347 -1.80 -18.77 -32.53
C PRO A 347 -0.86 -17.94 -31.67
N GLY A 348 -1.42 -17.23 -30.70
CA GLY A 348 -0.61 -16.40 -29.83
C GLY A 348 0.40 -17.21 -29.04
N PHE A 349 0.02 -18.42 -28.67
CA PHE A 349 0.88 -19.32 -27.92
C PHE A 349 2.10 -19.66 -28.77
N ARG A 350 1.86 -19.97 -30.04
CA ARG A 350 2.94 -20.30 -30.96
C ARG A 350 3.89 -19.11 -31.12
N TRP A 351 3.34 -17.92 -31.33
CA TRP A 351 4.15 -16.72 -31.50
C TRP A 351 4.95 -16.41 -30.24
N LEU A 352 4.35 -16.62 -29.07
CA LEU A 352 5.03 -16.34 -27.81
C LEU A 352 6.20 -17.29 -27.58
N LEU A 353 6.03 -18.57 -27.90
CA LEU A 353 7.11 -19.53 -27.70
C LEU A 353 8.32 -19.16 -28.55
N ASN A 354 8.07 -18.79 -29.81
CA ASN A 354 9.16 -18.39 -30.71
C ASN A 354 9.85 -17.12 -30.19
N TYR A 355 9.04 -16.15 -29.79
CA TYR A 355 9.53 -14.88 -29.27
C TYR A 355 10.47 -15.09 -28.09
N LEU A 356 10.03 -15.87 -27.12
CA LEU A 356 10.84 -16.14 -25.93
C LEU A 356 12.16 -16.86 -26.21
N TRP A 357 12.12 -17.85 -27.11
CA TRP A 357 13.33 -18.58 -27.45
C TRP A 357 14.36 -17.65 -28.09
N LYS A 358 13.88 -16.83 -29.03
CA LYS A 358 14.75 -15.88 -29.72
C LYS A 358 15.26 -14.78 -28.81
N ALA A 359 14.38 -14.25 -27.96
CA ALA A 359 14.75 -13.16 -27.07
C ALA A 359 15.69 -13.53 -25.93
N TYR A 360 15.40 -14.64 -25.25
CA TYR A 360 16.20 -15.01 -24.09
C TYR A 360 17.12 -16.22 -24.20
N ASP A 361 17.02 -16.92 -25.32
CA ASP A 361 17.90 -18.05 -25.63
C ASP A 361 18.06 -19.16 -24.57
N LYS A 362 16.97 -19.50 -23.88
CA LYS A 362 17.01 -20.59 -22.90
C LYS A 362 15.85 -21.52 -23.20
N PRO A 363 16.04 -22.83 -22.99
CA PRO A 363 14.95 -23.79 -23.24
C PRO A 363 13.69 -23.41 -22.49
N VAL A 364 12.57 -23.40 -23.20
CA VAL A 364 11.30 -23.03 -22.59
C VAL A 364 10.51 -24.21 -22.03
N TYR A 365 10.01 -24.04 -20.82
CA TYR A 365 9.18 -25.04 -20.15
C TYR A 365 7.88 -24.33 -19.83
N VAL A 366 6.80 -24.72 -20.51
CA VAL A 366 5.50 -24.11 -20.26
C VAL A 366 5.00 -24.75 -18.98
N THR A 367 5.24 -24.07 -17.86
CA THR A 367 4.86 -24.57 -16.55
C THR A 367 3.38 -24.45 -16.20
N GLU A 368 2.63 -23.75 -17.05
CA GLU A 368 1.19 -23.60 -16.86
C GLU A 368 0.49 -23.16 -18.15
N ASN A 369 -0.62 -23.83 -18.47
CA ASN A 369 -1.45 -23.50 -19.61
C ASN A 369 -2.77 -24.25 -19.41
N GLY A 370 -3.86 -23.51 -19.37
CA GLY A 370 -5.15 -24.15 -19.14
C GLY A 370 -6.31 -23.26 -19.48
N PHE A 371 -7.51 -23.73 -19.18
CA PHE A 371 -8.71 -23.00 -19.53
C PHE A 371 -9.84 -23.23 -18.54
N PRO A 372 -10.55 -22.15 -18.15
CA PRO A 372 -11.66 -22.29 -17.21
C PRO A 372 -12.98 -22.16 -18.00
N VAL A 373 -13.66 -23.28 -18.22
CA VAL A 373 -14.91 -23.27 -18.97
C VAL A 373 -15.91 -22.29 -18.34
N LYS A 374 -16.49 -21.42 -19.17
CA LYS A 374 -17.43 -20.42 -18.67
C LYS A 374 -18.66 -21.04 -18.03
N GLY A 375 -18.89 -20.68 -16.77
CA GLY A 375 -20.04 -21.17 -16.04
C GLY A 375 -20.01 -22.63 -15.61
N GLU A 376 -18.84 -23.26 -15.72
CA GLU A 376 -18.72 -24.67 -15.37
C GLU A 376 -19.06 -24.99 -13.90
N ASN A 377 -18.88 -24.00 -13.02
CA ASN A 377 -19.17 -24.21 -11.60
C ASN A 377 -20.64 -24.52 -11.37
N ASP A 378 -21.51 -24.11 -12.29
CA ASP A 378 -22.94 -24.35 -12.17
C ASP A 378 -23.37 -25.71 -12.73
N LEU A 379 -22.45 -26.39 -13.39
CA LEU A 379 -22.77 -27.69 -14.00
C LEU A 379 -22.61 -28.92 -13.11
N PRO A 380 -23.54 -29.87 -13.20
CA PRO A 380 -23.43 -31.08 -12.39
C PRO A 380 -22.28 -31.88 -13.01
N VAL A 381 -21.67 -32.77 -12.22
CA VAL A 381 -20.55 -33.56 -12.70
C VAL A 381 -20.73 -34.21 -14.08
N GLU A 382 -21.88 -34.82 -14.33
CA GLU A 382 -22.08 -35.48 -15.62
C GLU A 382 -22.01 -34.54 -16.82
N GLN A 383 -22.29 -33.25 -16.59
CA GLN A 383 -22.22 -32.27 -17.67
C GLN A 383 -20.83 -31.62 -17.71
N ALA A 384 -20.24 -31.44 -16.53
CA ALA A 384 -18.92 -30.82 -16.43
C ALA A 384 -17.86 -31.67 -17.12
N VAL A 385 -18.01 -32.99 -17.07
CA VAL A 385 -17.03 -33.88 -17.70
C VAL A 385 -16.98 -33.69 -19.22
N ASP A 386 -18.07 -33.24 -19.83
CA ASP A 386 -18.08 -33.00 -21.26
C ASP A 386 -17.63 -31.56 -21.48
N ASP A 387 -16.41 -31.25 -21.03
CA ASP A 387 -15.86 -29.91 -21.13
C ASP A 387 -15.35 -29.55 -22.52
N THR A 388 -16.29 -29.41 -23.45
CA THR A 388 -16.00 -29.10 -24.84
C THR A 388 -15.02 -27.95 -25.06
N ASP A 389 -15.29 -26.79 -24.47
CA ASP A 389 -14.42 -25.64 -24.66
C ASP A 389 -13.00 -25.86 -24.15
N ARG A 390 -12.84 -26.63 -23.07
CA ARG A 390 -11.50 -26.89 -22.54
C ARG A 390 -10.74 -27.83 -23.47
N GLN A 391 -11.44 -28.79 -24.07
CA GLN A 391 -10.81 -29.74 -24.99
C GLN A 391 -10.36 -28.98 -26.24
N ALA A 392 -11.21 -28.05 -26.70
CA ALA A 392 -10.89 -27.25 -27.88
C ALA A 392 -9.67 -26.38 -27.58
N TYR A 393 -9.61 -25.83 -26.37
CA TYR A 393 -8.49 -25.00 -25.97
C TYR A 393 -7.21 -25.81 -26.04
N TYR A 394 -7.19 -26.96 -25.37
CA TYR A 394 -6.00 -27.80 -25.39
C TYR A 394 -5.65 -28.28 -26.79
N ARG A 395 -6.67 -28.49 -27.61
CA ARG A 395 -6.43 -28.94 -28.98
C ARG A 395 -5.66 -27.85 -29.72
N ASP A 396 -6.12 -26.60 -29.59
CA ASP A 396 -5.48 -25.47 -30.24
C ASP A 396 -4.08 -25.18 -29.70
N TYR A 397 -3.94 -25.24 -28.37
CA TYR A 397 -2.64 -24.96 -27.78
C TYR A 397 -1.59 -26.05 -27.95
N THR A 398 -1.97 -27.32 -27.89
CA THR A 398 -0.99 -28.38 -28.09
C THR A 398 -0.51 -28.35 -29.54
N GLU A 399 -1.39 -27.97 -30.45
CA GLU A 399 -1.02 -27.88 -31.87
C GLU A 399 -0.02 -26.75 -32.04
N ALA A 400 -0.27 -25.63 -31.37
CA ALA A 400 0.63 -24.47 -31.44
C ALA A 400 2.00 -24.89 -30.92
N LEU A 401 2.00 -25.69 -29.86
CA LEU A 401 3.24 -26.20 -29.26
C LEU A 401 4.01 -27.08 -30.24
N LEU A 402 3.30 -28.00 -30.88
CA LEU A 402 3.91 -28.92 -31.83
C LEU A 402 4.57 -28.16 -32.98
N GLN A 403 3.86 -27.16 -33.51
CA GLN A 403 4.36 -26.34 -34.60
C GLN A 403 5.59 -25.54 -34.19
N ALA A 404 5.51 -24.90 -33.03
CA ALA A 404 6.61 -24.09 -32.53
C ALA A 404 7.91 -24.87 -32.47
N VAL A 405 7.86 -26.09 -31.94
CA VAL A 405 9.07 -26.89 -31.81
C VAL A 405 9.52 -27.58 -33.10
N THR A 406 8.80 -28.62 -33.48
CA THR A 406 9.15 -29.41 -34.67
C THR A 406 9.26 -28.62 -35.96
N GLU A 407 8.39 -27.64 -36.14
CA GLU A 407 8.41 -26.83 -37.35
C GLU A 407 9.23 -25.54 -37.23
N ASP A 408 8.74 -24.60 -36.42
CA ASP A 408 9.41 -23.31 -36.26
C ASP A 408 10.83 -23.38 -35.72
N GLY A 409 11.10 -24.34 -34.84
CA GLY A 409 12.43 -24.46 -34.29
C GLY A 409 12.64 -23.79 -32.93
N ALA A 410 11.55 -23.54 -32.21
CA ALA A 410 11.65 -22.94 -30.89
C ALA A 410 12.02 -24.06 -29.92
N ASP A 411 12.98 -23.81 -29.05
CA ASP A 411 13.41 -24.82 -28.08
C ASP A 411 12.45 -24.84 -26.89
N VAL A 412 11.46 -25.73 -26.94
CA VAL A 412 10.49 -25.88 -25.86
C VAL A 412 10.61 -27.33 -25.40
N ARG A 413 10.81 -27.54 -24.10
CA ARG A 413 11.02 -28.89 -23.60
C ARG A 413 10.02 -29.45 -22.60
N GLY A 414 9.02 -28.66 -22.26
CA GLY A 414 8.02 -29.14 -21.31
C GLY A 414 6.71 -28.39 -21.43
N TYR A 415 5.62 -29.06 -21.05
CA TYR A 415 4.28 -28.48 -21.09
C TYR A 415 3.47 -29.05 -19.93
N PHE A 416 2.98 -28.17 -19.06
CA PHE A 416 2.19 -28.58 -17.91
C PHE A 416 0.81 -27.93 -17.96
N GLY A 417 -0.23 -28.74 -17.88
CA GLY A 417 -1.56 -28.17 -17.91
C GLY A 417 -2.03 -27.69 -16.55
N TRP A 418 -2.66 -26.52 -16.53
CA TRP A 418 -3.21 -26.01 -15.28
C TRP A 418 -4.71 -26.19 -15.44
N SER A 419 -5.32 -27.04 -14.60
CA SER A 419 -4.63 -27.77 -13.54
C SER A 419 -5.07 -29.23 -13.49
N LEU A 420 -4.37 -30.02 -12.68
CA LEU A 420 -4.72 -31.42 -12.52
C LEU A 420 -6.14 -31.52 -11.98
N LEU A 421 -6.46 -30.60 -11.05
CA LEU A 421 -7.78 -30.58 -10.40
C LEU A 421 -8.40 -29.19 -10.32
N ASP A 422 -9.73 -29.15 -10.23
CA ASP A 422 -10.42 -27.88 -10.04
C ASP A 422 -9.88 -27.53 -8.66
N ASN A 423 -9.63 -26.26 -8.39
CA ASN A 423 -9.11 -25.88 -7.09
C ASN A 423 -9.43 -24.45 -6.68
N PHE A 424 -8.80 -23.99 -5.61
CA PHE A 424 -9.01 -22.64 -5.09
C PHE A 424 -8.35 -21.64 -6.02
N GLU A 425 -9.15 -20.92 -6.81
CA GLU A 425 -8.60 -19.94 -7.74
C GLU A 425 -8.43 -18.55 -7.11
N TRP A 426 -7.64 -18.52 -6.04
CA TRP A 426 -7.32 -17.29 -5.33
C TRP A 426 -8.51 -16.36 -5.03
N ALA A 427 -8.42 -15.10 -5.48
CA ALA A 427 -9.47 -14.11 -5.22
C ALA A 427 -10.82 -14.47 -5.84
N GLU A 428 -10.82 -15.41 -6.78
CA GLU A 428 -12.05 -15.84 -7.44
C GLU A 428 -12.68 -16.99 -6.67
N GLY A 429 -11.96 -17.50 -5.68
CA GLY A 429 -12.48 -18.59 -4.90
C GLY A 429 -12.60 -19.86 -5.72
N TYR A 430 -13.58 -20.69 -5.39
CA TYR A 430 -13.77 -21.97 -6.09
C TYR A 430 -14.64 -21.91 -7.34
N LYS A 431 -15.22 -20.74 -7.63
CA LYS A 431 -16.10 -20.58 -8.80
C LYS A 431 -15.43 -20.78 -10.15
N VAL A 432 -14.14 -20.49 -10.25
CA VAL A 432 -13.43 -20.66 -11.51
C VAL A 432 -12.77 -22.04 -11.53
N ARG A 433 -13.22 -22.87 -12.47
CA ARG A 433 -12.75 -24.25 -12.63
C ARG A 433 -11.72 -24.44 -13.75
N PHE A 434 -10.50 -24.82 -13.37
CA PHE A 434 -9.41 -25.02 -14.33
C PHE A 434 -8.98 -26.47 -14.52
N GLY A 435 -9.53 -27.39 -13.74
CA GLY A 435 -9.10 -28.76 -13.83
C GLY A 435 -9.49 -29.58 -15.03
N VAL A 436 -8.72 -30.65 -15.27
CA VAL A 436 -9.02 -31.60 -16.33
C VAL A 436 -9.72 -32.70 -15.57
N THR A 437 -9.81 -32.50 -14.26
CA THR A 437 -10.45 -33.43 -13.34
C THR A 437 -11.46 -32.65 -12.49
N HIS A 438 -12.70 -33.08 -12.52
CA HIS A 438 -13.74 -32.44 -11.73
C HIS A 438 -13.63 -32.86 -10.27
N VAL A 439 -13.89 -31.91 -9.38
CA VAL A 439 -13.86 -32.21 -7.96
C VAL A 439 -15.18 -31.78 -7.34
N ASP A 440 -15.79 -32.69 -6.59
CA ASP A 440 -17.03 -32.39 -5.90
C ASP A 440 -16.51 -32.02 -4.52
N TYR A 441 -16.60 -30.74 -4.17
CA TYR A 441 -16.08 -30.29 -2.90
C TYR A 441 -16.80 -30.83 -1.66
N GLU A 442 -17.97 -31.41 -1.86
CA GLU A 442 -18.72 -31.96 -0.72
C GLU A 442 -18.31 -33.40 -0.40
N THR A 443 -17.68 -34.06 -1.35
CA THR A 443 -17.25 -35.45 -1.17
C THR A 443 -15.78 -35.64 -1.50
N GLN A 444 -15.20 -34.64 -2.17
CA GLN A 444 -13.80 -34.67 -2.62
C GLN A 444 -13.58 -35.71 -3.71
N LYS A 445 -14.68 -36.21 -4.27
CA LYS A 445 -14.57 -37.19 -5.35
C LYS A 445 -13.97 -36.56 -6.61
N ARG A 446 -12.99 -37.24 -7.19
CA ARG A 446 -12.34 -36.80 -8.41
C ARG A 446 -12.96 -37.52 -9.60
N THR A 447 -13.38 -36.77 -10.61
CA THR A 447 -13.94 -37.38 -11.82
C THR A 447 -13.24 -36.77 -13.03
N PRO A 448 -12.45 -37.58 -13.76
CA PRO A 448 -11.75 -37.06 -14.94
C PRO A 448 -12.72 -36.46 -15.96
N LYS A 449 -12.34 -35.32 -16.53
CA LYS A 449 -13.15 -34.67 -17.55
C LYS A 449 -12.61 -35.18 -18.87
N LYS A 450 -13.35 -35.00 -19.97
CA LYS A 450 -12.88 -35.49 -21.25
C LYS A 450 -11.58 -34.85 -21.73
N SER A 451 -11.28 -33.66 -21.24
CA SER A 451 -10.05 -32.99 -21.63
C SER A 451 -8.84 -33.79 -21.16
N ALA A 452 -8.99 -34.49 -20.03
CA ALA A 452 -7.90 -35.30 -19.50
C ALA A 452 -7.58 -36.45 -20.45
N GLU A 453 -8.62 -37.04 -21.05
CA GLU A 453 -8.41 -38.13 -21.99
C GLU A 453 -7.73 -37.57 -23.23
N PHE A 454 -8.16 -36.38 -23.67
CA PHE A 454 -7.56 -35.78 -24.85
C PHE A 454 -6.07 -35.52 -24.71
N LEU A 455 -5.67 -34.90 -23.60
CA LEU A 455 -4.27 -34.60 -23.37
C LEU A 455 -3.39 -35.85 -23.23
N SER A 456 -3.90 -36.86 -22.52
CA SER A 456 -3.13 -38.09 -22.36
C SER A 456 -2.89 -38.72 -23.71
N ARG A 457 -3.95 -38.79 -24.51
CA ARG A 457 -3.88 -39.37 -25.85
C ARG A 457 -3.01 -38.52 -26.79
N TRP A 458 -3.14 -37.20 -26.73
CA TRP A 458 -2.36 -36.34 -27.60
C TRP A 458 -0.85 -36.44 -27.36
N PHE A 459 -0.43 -36.37 -26.10
CA PHE A 459 1.00 -36.46 -25.81
C PHE A 459 1.57 -37.85 -26.03
N LYS A 460 0.72 -38.86 -25.88
CA LYS A 460 1.16 -40.24 -26.10
C LYS A 460 1.48 -40.37 -27.59
N GLU A 461 0.63 -39.78 -28.42
CA GLU A 461 0.79 -39.85 -29.86
C GLU A 461 1.75 -38.81 -30.44
N HIS A 462 2.11 -37.79 -29.67
CA HIS A 462 2.99 -36.75 -30.19
C HIS A 462 4.35 -36.57 -29.52
N ILE A 463 4.74 -37.56 -28.73
CA ILE A 463 6.06 -37.55 -28.10
C ILE A 463 6.73 -38.82 -28.61
N GLU A 464 7.91 -38.66 -29.19
CA GLU A 464 8.66 -39.78 -29.75
C GLU A 464 8.76 -40.95 -28.78
N GLU A 465 8.50 -42.16 -29.28
CA GLU A 465 8.56 -43.35 -28.44
C GLU A 465 9.99 -43.70 -28.10
N ALA B 7 -9.37 35.16 36.91
CA ALA B 7 -8.20 34.52 36.26
C ALA B 7 -8.17 34.82 34.76
N LYS B 8 -7.01 35.23 34.27
CA LYS B 8 -6.86 35.54 32.85
C LYS B 8 -5.55 35.00 32.30
N LEU B 9 -5.54 34.72 31.00
CA LEU B 9 -4.36 34.22 30.33
C LEU B 9 -3.39 35.39 30.16
N PRO B 10 -2.08 35.11 30.09
CA PRO B 10 -1.08 36.16 29.93
C PRO B 10 -1.42 37.07 28.74
N LYS B 11 -1.03 38.34 28.83
CA LYS B 11 -1.30 39.27 27.74
C LYS B 11 -0.70 38.82 26.41
N SER B 12 0.40 38.10 26.48
CA SER B 12 1.08 37.62 25.28
C SER B 12 0.39 36.45 24.59
N PHE B 13 -0.61 35.87 25.25
CA PHE B 13 -1.35 34.74 24.68
C PHE B 13 -1.98 35.12 23.35
N VAL B 14 -1.89 34.23 22.37
CA VAL B 14 -2.48 34.52 21.06
C VAL B 14 -3.62 33.56 20.76
N TRP B 15 -4.66 34.08 20.11
CA TRP B 15 -5.79 33.24 19.74
C TRP B 15 -6.18 33.59 18.32
N GLY B 16 -6.90 32.68 17.68
CA GLY B 16 -7.35 32.92 16.32
C GLY B 16 -7.99 31.68 15.75
N TYR B 17 -7.86 31.51 14.45
CA TYR B 17 -8.43 30.36 13.75
C TYR B 17 -7.39 29.73 12.83
N ALA B 18 -7.66 28.47 12.45
CA ALA B 18 -6.76 27.74 11.57
C ALA B 18 -7.47 27.23 10.33
N THR B 19 -6.72 27.15 9.23
CA THR B 19 -7.22 26.62 7.96
C THR B 19 -6.07 25.87 7.31
N ALA B 20 -6.36 25.19 6.20
CA ALA B 20 -5.36 24.44 5.44
C ALA B 20 -5.59 24.80 3.98
N ALA B 21 -4.51 24.99 3.23
CA ALA B 21 -4.58 25.38 1.82
C ALA B 21 -5.56 24.60 0.96
N TYR B 22 -5.41 23.28 0.90
CA TYR B 22 -6.29 22.51 0.04
C TYR B 22 -7.75 22.54 0.49
N GLN B 23 -7.97 22.76 1.77
CA GLN B 23 -9.33 22.78 2.28
C GLN B 23 -10.13 24.05 2.00
N ILE B 24 -9.46 25.16 1.67
CA ILE B 24 -10.16 26.41 1.42
C ILE B 24 -9.85 27.18 0.12
N GLU B 25 -8.63 27.04 -0.38
CA GLU B 25 -8.20 27.79 -1.55
C GLU B 25 -8.89 27.67 -2.90
N GLY B 26 -9.09 26.46 -3.38
CA GLY B 26 -9.70 26.32 -4.70
C GLY B 26 -8.61 26.74 -5.68
N SER B 27 -9.01 27.24 -6.86
CA SER B 27 -8.04 27.65 -7.88
C SER B 27 -6.87 26.67 -7.93
N PRO B 28 -7.18 25.38 -8.12
CA PRO B 28 -6.18 24.29 -8.19
C PRO B 28 -5.09 24.42 -9.25
N ASP B 29 -5.39 25.06 -10.38
CA ASP B 29 -4.37 25.20 -11.41
C ASP B 29 -4.23 26.64 -11.88
N LYS B 30 -4.50 27.58 -10.99
CA LYS B 30 -4.39 28.99 -11.30
C LYS B 30 -3.01 29.47 -10.87
N ASP B 31 -2.54 30.53 -11.53
CA ASP B 31 -1.24 31.13 -11.24
C ASP B 31 -0.08 30.14 -11.02
N GLY B 32 0.07 29.20 -11.94
CA GLY B 32 1.17 28.26 -11.86
C GLY B 32 1.10 27.05 -10.96
N ARG B 33 0.02 26.87 -10.20
CA ARG B 33 -0.04 25.70 -9.32
C ARG B 33 -0.25 24.42 -10.12
N GLU B 34 0.47 23.38 -9.72
CA GLU B 34 0.34 22.07 -10.36
C GLU B 34 -0.25 21.13 -9.31
N PRO B 35 -0.80 19.98 -9.73
CA PRO B 35 -1.42 19.01 -8.82
C PRO B 35 -0.66 18.52 -7.58
N SER B 36 -1.43 18.32 -6.51
CA SER B 36 -0.90 17.79 -5.26
C SER B 36 -1.51 16.39 -5.23
N ILE B 37 -1.05 15.53 -4.33
CA ILE B 37 -1.59 14.19 -4.27
C ILE B 37 -3.09 14.19 -3.93
N TRP B 38 -3.58 15.25 -3.29
CA TRP B 38 -4.99 15.33 -2.95
C TRP B 38 -5.85 15.66 -4.17
N ASP B 39 -5.30 16.44 -5.09
CA ASP B 39 -6.03 16.78 -6.33
C ASP B 39 -6.25 15.44 -7.04
N THR B 40 -5.20 14.63 -7.05
CA THR B 40 -5.23 13.32 -7.69
C THR B 40 -6.24 12.41 -6.98
N PHE B 41 -6.15 12.38 -5.65
CA PHE B 41 -7.02 11.56 -4.81
C PHE B 41 -8.51 11.81 -5.03
N CYS B 42 -8.90 13.07 -5.13
CA CYS B 42 -10.30 13.43 -5.33
C CYS B 42 -10.86 13.06 -6.70
N LYS B 43 -10.00 12.64 -7.61
CA LYS B 43 -10.47 12.25 -8.94
C LYS B 43 -10.69 10.74 -9.00
N ALA B 44 -10.36 10.05 -7.90
CA ALA B 44 -10.54 8.61 -7.81
C ALA B 44 -11.92 8.35 -7.20
N PRO B 45 -12.80 7.65 -7.93
CA PRO B 45 -14.14 7.35 -7.42
C PRO B 45 -14.14 6.60 -6.09
N GLY B 46 -15.09 6.93 -5.23
CA GLY B 46 -15.22 6.29 -3.94
C GLY B 46 -14.33 6.80 -2.82
N LYS B 47 -13.35 7.63 -3.15
CA LYS B 47 -12.44 8.14 -2.13
C LYS B 47 -13.03 9.27 -1.29
N ILE B 48 -13.86 10.11 -1.90
CA ILE B 48 -14.47 11.22 -1.17
C ILE B 48 -15.96 10.92 -1.00
N ALA B 49 -16.41 10.91 0.25
CA ALA B 49 -17.79 10.60 0.60
C ALA B 49 -18.90 11.18 -0.28
N ASP B 50 -18.79 12.47 -0.60
CA ASP B 50 -19.81 13.12 -1.42
C ASP B 50 -19.35 13.35 -2.85
N GLY B 51 -18.29 12.65 -3.25
CA GLY B 51 -17.77 12.79 -4.61
C GLY B 51 -17.29 14.19 -4.96
N SER B 52 -16.88 14.96 -3.96
CA SER B 52 -16.41 16.33 -4.19
C SER B 52 -14.88 16.42 -4.22
N SER B 53 -14.38 17.65 -4.28
CA SER B 53 -12.93 17.88 -4.30
C SER B 53 -12.66 19.30 -3.84
N GLY B 54 -11.38 19.66 -3.78
CA GLY B 54 -11.01 21.00 -3.37
C GLY B 54 -10.86 21.94 -4.56
N ASP B 55 -11.49 21.59 -5.68
CA ASP B 55 -11.40 22.42 -6.89
C ASP B 55 -11.89 23.85 -6.65
N VAL B 56 -12.87 24.01 -5.76
CA VAL B 56 -13.38 25.34 -5.47
C VAL B 56 -13.30 25.66 -3.98
N ALA B 57 -13.72 24.71 -3.14
CA ALA B 57 -13.68 24.90 -1.70
C ALA B 57 -14.36 26.22 -1.34
N THR B 58 -13.70 27.04 -0.53
CA THR B 58 -14.26 28.32 -0.14
C THR B 58 -13.69 29.44 -1.03
N ASP B 59 -13.06 29.03 -2.13
CA ASP B 59 -12.51 29.98 -3.10
C ASP B 59 -11.63 31.02 -2.40
N SER B 60 -10.93 30.60 -1.35
CA SER B 60 -10.09 31.51 -0.57
C SER B 60 -8.80 31.97 -1.23
N TYR B 61 -8.41 31.33 -2.33
CA TYR B 61 -7.20 31.78 -3.01
C TYR B 61 -7.55 33.14 -3.62
N ASN B 62 -8.70 33.18 -4.31
CA ASN B 62 -9.17 34.41 -4.94
C ASN B 62 -9.73 35.39 -3.90
N ARG B 63 -10.40 34.86 -2.89
CA ARG B 63 -11.01 35.69 -1.85
C ARG B 63 -10.18 35.84 -0.58
N TRP B 64 -8.85 35.78 -0.73
CA TRP B 64 -7.97 35.89 0.41
C TRP B 64 -8.20 37.17 1.22
N ARG B 65 -8.48 38.28 0.52
CA ARG B 65 -8.71 39.56 1.19
C ARG B 65 -9.93 39.50 2.09
N GLU B 66 -10.97 38.82 1.63
CA GLU B 66 -12.21 38.70 2.40
C GLU B 66 -11.95 37.92 3.68
N ASP B 67 -11.14 36.88 3.58
CA ASP B 67 -10.82 36.05 4.74
C ASP B 67 -10.04 36.87 5.77
N VAL B 68 -9.08 37.68 5.31
CA VAL B 68 -8.30 38.51 6.21
C VAL B 68 -9.24 39.51 6.89
N GLN B 69 -10.15 40.09 6.12
CA GLN B 69 -11.10 41.06 6.66
C GLN B 69 -11.99 40.38 7.70
N LEU B 70 -12.35 39.12 7.46
CA LEU B 70 -13.18 38.37 8.39
C LEU B 70 -12.43 38.16 9.70
N LEU B 71 -11.19 37.73 9.60
CA LEU B 71 -10.34 37.49 10.76
C LEU B 71 -10.23 38.77 11.59
N LYS B 72 -10.00 39.90 10.92
CA LYS B 72 -9.88 41.18 11.60
C LYS B 72 -11.17 41.56 12.33
N SER B 73 -12.31 41.33 11.69
CA SER B 73 -13.59 41.68 12.31
C SER B 73 -13.86 40.81 13.54
N TYR B 74 -13.21 39.65 13.62
CA TYR B 74 -13.39 38.76 14.75
C TYR B 74 -12.47 39.13 15.91
N GLY B 75 -11.51 40.00 15.63
CA GLY B 75 -10.57 40.42 16.67
C GLY B 75 -9.49 39.42 16.98
N VAL B 76 -9.16 38.53 16.04
CA VAL B 76 -8.13 37.53 16.29
C VAL B 76 -6.76 38.19 16.45
N LYS B 77 -5.87 37.53 17.18
CA LYS B 77 -4.51 38.04 17.39
C LYS B 77 -3.56 37.31 16.45
N ALA B 78 -4.02 36.18 15.92
CA ALA B 78 -3.19 35.38 15.02
C ALA B 78 -4.04 34.54 14.07
N TYR B 79 -3.40 34.05 13.01
CA TYR B 79 -4.08 33.22 12.03
C TYR B 79 -3.16 32.11 11.57
N ARG B 80 -3.60 30.87 11.69
CA ARG B 80 -2.81 29.74 11.25
C ARG B 80 -3.31 29.25 9.90
N PHE B 81 -2.42 29.18 8.93
CA PHE B 81 -2.80 28.70 7.61
C PHE B 81 -1.63 27.93 7.02
N SER B 82 -1.86 27.19 5.95
CA SER B 82 -0.77 26.42 5.35
C SER B 82 -0.43 26.92 3.95
N LEU B 83 0.77 26.56 3.49
CA LEU B 83 1.22 26.95 2.17
C LEU B 83 1.10 25.73 1.27
N SER B 84 0.52 25.92 0.09
CA SER B 84 0.40 24.81 -0.85
C SER B 84 1.77 24.66 -1.50
N TRP B 85 2.47 23.58 -1.17
CA TRP B 85 3.80 23.31 -1.70
C TRP B 85 3.82 23.45 -3.23
N SER B 86 2.82 22.87 -3.89
CA SER B 86 2.75 22.91 -5.36
C SER B 86 2.40 24.26 -5.97
N ARG B 87 2.25 25.30 -5.14
CA ARG B 87 2.00 26.64 -5.64
C ARG B 87 3.33 27.39 -5.63
N ILE B 88 4.23 26.95 -4.76
CA ILE B 88 5.54 27.57 -4.60
C ILE B 88 6.61 26.89 -5.45
N ILE B 89 6.60 25.56 -5.45
CA ILE B 89 7.51 24.75 -6.27
C ILE B 89 6.54 23.71 -6.85
N PRO B 90 5.86 24.05 -7.95
CA PRO B 90 4.88 23.20 -8.64
C PRO B 90 5.15 21.70 -8.64
N LYS B 91 6.34 21.29 -9.10
CA LYS B 91 6.66 19.87 -9.11
C LYS B 91 7.26 19.42 -7.78
N GLY B 92 7.57 20.39 -6.94
CA GLY B 92 8.08 20.13 -5.59
C GLY B 92 9.55 19.94 -5.29
N GLY B 93 10.34 19.50 -6.28
CA GLY B 93 11.75 19.23 -6.05
C GLY B 93 12.74 20.37 -5.92
N ARG B 94 13.90 20.05 -5.35
CA ARG B 94 14.96 21.02 -5.12
C ARG B 94 15.55 21.54 -6.43
N SER B 95 15.27 20.85 -7.54
CA SER B 95 15.77 21.28 -8.85
C SER B 95 14.62 21.55 -9.82
N ASP B 96 13.40 21.62 -9.30
CA ASP B 96 12.24 21.91 -10.13
C ASP B 96 12.01 23.42 -10.14
N PRO B 97 11.29 23.93 -11.16
CA PRO B 97 11.03 25.36 -11.26
C PRO B 97 10.29 25.95 -10.06
N VAL B 98 10.65 27.18 -9.71
CA VAL B 98 10.03 27.89 -8.59
C VAL B 98 8.92 28.78 -9.19
N ASN B 99 7.75 28.76 -8.58
CA ASN B 99 6.62 29.54 -9.09
C ASN B 99 6.52 30.92 -8.43
N GLY B 100 7.06 31.93 -9.10
CA GLY B 100 7.02 33.29 -8.59
C GLY B 100 5.64 33.80 -8.24
N ALA B 101 4.65 33.49 -9.06
CA ALA B 101 3.28 33.94 -8.81
C ALA B 101 2.76 33.37 -7.49
N GLY B 102 3.19 32.16 -7.15
CA GLY B 102 2.76 31.55 -5.90
C GLY B 102 3.39 32.24 -4.71
N ILE B 103 4.68 32.53 -4.82
CA ILE B 103 5.38 33.21 -3.74
C ILE B 103 4.76 34.59 -3.54
N LYS B 104 4.50 35.29 -4.64
CA LYS B 104 3.89 36.63 -4.58
C LYS B 104 2.57 36.61 -3.82
N HIS B 105 1.69 35.69 -4.22
CA HIS B 105 0.38 35.56 -3.59
C HIS B 105 0.47 35.44 -2.08
N TYR B 106 1.26 34.50 -1.61
CA TYR B 106 1.41 34.30 -0.18
C TYR B 106 2.12 35.45 0.51
N ARG B 107 3.07 36.08 -0.18
CA ARG B 107 3.79 37.22 0.38
C ARG B 107 2.80 38.35 0.65
N THR B 108 1.92 38.60 -0.31
CA THR B 108 0.93 39.66 -0.20
C THR B 108 -0.07 39.36 0.92
N LEU B 109 -0.45 38.09 1.06
CA LEU B 109 -1.38 37.69 2.10
C LEU B 109 -0.76 37.93 3.46
N ILE B 110 0.49 37.50 3.60
CA ILE B 110 1.23 37.65 4.85
C ILE B 110 1.45 39.11 5.21
N GLU B 111 1.75 39.94 4.21
CA GLU B 111 1.97 41.35 4.47
C GLU B 111 0.69 42.00 4.99
N GLU B 112 -0.43 41.62 4.40
CA GLU B 112 -1.73 42.16 4.82
C GLU B 112 -2.04 41.74 6.25
N LEU B 113 -1.78 40.47 6.57
CA LEU B 113 -2.03 39.98 7.92
C LEU B 113 -1.22 40.79 8.92
N VAL B 114 0.07 40.95 8.65
CA VAL B 114 0.94 41.72 9.54
C VAL B 114 0.43 43.15 9.67
N LYS B 115 0.11 43.75 8.53
CA LYS B 115 -0.40 45.12 8.51
C LYS B 115 -1.68 45.25 9.33
N GLU B 116 -2.45 44.17 9.42
CA GLU B 116 -3.70 44.17 10.18
C GLU B 116 -3.45 43.84 11.65
N GLY B 117 -2.21 43.53 11.99
CA GLY B 117 -1.89 43.20 13.37
C GLY B 117 -2.23 41.76 13.73
N ILE B 118 -2.29 40.89 12.72
CA ILE B 118 -2.61 39.49 12.92
C ILE B 118 -1.32 38.68 12.70
N THR B 119 -0.85 38.03 13.74
CA THR B 119 0.37 37.23 13.67
C THR B 119 0.18 35.95 12.86
N PRO B 120 0.97 35.78 11.79
CA PRO B 120 0.80 34.57 10.99
C PRO B 120 1.54 33.35 11.53
N PHE B 121 0.83 32.23 11.60
CA PHE B 121 1.40 30.95 12.01
C PHE B 121 1.30 30.14 10.74
N VAL B 122 2.44 29.88 10.12
CA VAL B 122 2.48 29.19 8.85
C VAL B 122 2.87 27.72 8.88
N THR B 123 1.98 26.87 8.38
CA THR B 123 2.23 25.44 8.31
C THR B 123 2.83 25.17 6.93
N LEU B 124 4.04 24.63 6.90
CA LEU B 124 4.69 24.33 5.61
C LEU B 124 4.02 23.16 4.89
N TYR B 125 3.69 22.11 5.64
CA TYR B 125 3.09 20.93 5.05
C TYR B 125 1.79 20.49 5.69
N HIS B 126 0.68 20.71 4.98
CA HIS B 126 -0.60 20.29 5.48
C HIS B 126 -1.23 19.30 4.49
N TRP B 127 -0.46 18.24 4.22
CA TRP B 127 -0.85 17.10 3.40
C TRP B 127 -0.83 17.17 1.88
N ASP B 128 -0.69 18.37 1.32
CA ASP B 128 -0.71 18.53 -0.12
C ASP B 128 0.64 18.40 -0.83
N LEU B 129 1.24 17.22 -0.72
CA LEU B 129 2.53 16.95 -1.36
C LEU B 129 2.35 17.08 -2.87
N PRO B 130 3.32 17.71 -3.56
CA PRO B 130 3.22 17.86 -5.01
C PRO B 130 3.12 16.47 -5.65
N GLN B 131 2.17 16.29 -6.56
CA GLN B 131 2.00 14.99 -7.21
C GLN B 131 3.30 14.52 -7.89
N ALA B 132 4.03 15.45 -8.48
CA ALA B 132 5.27 15.12 -9.16
C ALA B 132 6.27 14.37 -8.29
N LEU B 133 6.33 14.70 -7.00
CA LEU B 133 7.27 14.02 -6.11
C LEU B 133 6.84 12.58 -5.85
N ASP B 134 5.54 12.33 -5.84
CA ASP B 134 5.05 10.97 -5.62
C ASP B 134 5.40 10.14 -6.86
N ASP B 135 5.21 10.73 -8.03
CA ASP B 135 5.52 10.04 -9.27
C ASP B 135 7.03 9.83 -9.44
N ARG B 136 7.81 10.82 -9.03
CA ARG B 136 9.26 10.73 -9.17
C ARG B 136 9.96 9.71 -8.27
N TYR B 137 9.61 9.70 -6.98
CA TYR B 137 10.25 8.76 -6.06
C TYR B 137 9.36 8.23 -4.92
N GLY B 138 8.05 8.37 -5.05
CA GLY B 138 7.16 7.88 -4.01
C GLY B 138 7.05 8.80 -2.82
N GLY B 139 7.40 10.07 -3.02
CA GLY B 139 7.31 11.04 -1.95
C GLY B 139 8.06 10.67 -0.69
N TRP B 140 7.36 10.75 0.45
CA TRP B 140 7.95 10.45 1.75
C TRP B 140 8.58 9.07 1.86
N LEU B 141 8.25 8.19 0.91
CA LEU B 141 8.79 6.83 0.94
C LEU B 141 10.29 6.79 0.68
N ASN B 142 10.81 7.80 -0.04
CA ASN B 142 12.24 7.85 -0.33
C ASN B 142 12.95 8.78 0.66
N LYS B 143 13.75 8.19 1.54
CA LYS B 143 14.47 8.94 2.57
C LYS B 143 15.26 10.15 2.07
N GLU B 144 16.33 9.91 1.32
CA GLU B 144 17.17 10.97 0.81
C GLU B 144 16.49 12.03 -0.05
N GLU B 145 15.66 11.61 -0.99
CA GLU B 145 14.98 12.55 -1.86
C GLU B 145 13.97 13.42 -1.12
N ALA B 146 13.14 12.80 -0.28
CA ALA B 146 12.14 13.54 0.47
C ALA B 146 12.77 14.56 1.41
N ILE B 147 13.79 14.14 2.15
CA ILE B 147 14.44 15.03 3.09
C ILE B 147 15.06 16.23 2.39
N GLN B 148 15.81 15.99 1.32
CA GLN B 148 16.44 17.07 0.58
C GLN B 148 15.44 18.03 -0.05
N ASP B 149 14.33 17.48 -0.57
CA ASP B 149 13.32 18.33 -1.20
C ASP B 149 12.53 19.13 -0.17
N PHE B 150 12.23 18.54 0.97
CA PHE B 150 11.49 19.28 1.99
C PHE B 150 12.37 20.40 2.55
N THR B 151 13.65 20.11 2.73
CA THR B 151 14.59 21.10 3.26
C THR B 151 14.69 22.30 2.31
N ASN B 152 14.75 22.02 1.01
CA ASN B 152 14.84 23.09 0.01
C ASN B 152 13.58 23.93 0.02
N TYR B 153 12.44 23.25 0.14
CA TYR B 153 11.13 23.91 0.18
C TYR B 153 11.09 24.80 1.43
N ALA B 154 11.47 24.25 2.57
CA ALA B 154 11.49 25.02 3.81
C ALA B 154 12.39 26.25 3.65
N LYS B 155 13.60 26.04 3.13
CA LYS B 155 14.54 27.14 2.93
C LYS B 155 13.92 28.26 2.10
N LEU B 156 13.32 27.88 0.97
CA LEU B 156 12.68 28.86 0.08
C LEU B 156 11.59 29.64 0.80
N CYS B 157 10.86 28.98 1.68
CA CYS B 157 9.79 29.65 2.43
C CYS B 157 10.37 30.57 3.50
N PHE B 158 11.41 30.10 4.19
CA PHE B 158 12.06 30.92 5.22
C PHE B 158 12.60 32.20 4.60
N GLU B 159 13.26 32.06 3.45
CA GLU B 159 13.84 33.21 2.77
C GLU B 159 12.77 34.13 2.20
N SER B 160 11.75 33.55 1.58
CA SER B 160 10.68 34.34 0.97
C SER B 160 9.74 35.05 1.94
N PHE B 161 9.46 34.44 3.09
CA PHE B 161 8.51 35.02 4.03
C PHE B 161 9.03 35.23 5.46
N GLY B 162 10.21 34.69 5.74
CA GLY B 162 10.80 34.78 7.08
C GLY B 162 10.96 36.14 7.74
N ASP B 163 11.02 37.21 6.95
CA ASP B 163 11.17 38.54 7.53
C ASP B 163 9.83 39.02 8.09
N LEU B 164 8.76 38.32 7.76
CA LEU B 164 7.41 38.67 8.22
C LEU B 164 6.80 37.60 9.11
N VAL B 165 7.28 36.37 8.97
CA VAL B 165 6.77 35.24 9.76
C VAL B 165 7.78 34.80 10.82
N GLN B 166 7.32 34.71 12.06
CA GLN B 166 8.19 34.29 13.16
C GLN B 166 7.64 33.05 13.87
N ASN B 167 6.62 32.43 13.28
CA ASN B 167 6.02 31.24 13.87
C ASN B 167 5.78 30.22 12.76
N TRP B 168 6.64 29.21 12.73
CA TRP B 168 6.56 28.17 11.70
C TRP B 168 6.19 26.79 12.22
N ILE B 169 5.44 26.05 11.41
CA ILE B 169 5.03 24.68 11.74
C ILE B 169 5.47 23.85 10.54
N THR B 170 6.35 22.88 10.76
CA THR B 170 6.83 22.04 9.68
C THR B 170 5.73 21.15 9.13
N PHE B 171 5.25 20.24 9.96
CA PHE B 171 4.22 19.29 9.56
C PHE B 171 2.94 19.36 10.38
N ASN B 172 1.82 19.10 9.70
CA ASN B 172 0.54 19.04 10.38
C ASN B 172 0.19 17.57 10.51
N GLU B 173 0.21 17.06 11.74
CA GLU B 173 -0.16 15.68 12.02
C GLU B 173 0.50 14.54 11.23
N PRO B 174 1.75 14.21 11.56
CA PRO B 174 2.40 13.11 10.83
C PRO B 174 1.64 11.79 11.07
N TRP B 175 0.91 11.70 12.18
CA TRP B 175 0.14 10.48 12.46
C TRP B 175 -0.87 10.27 11.34
N VAL B 176 -1.59 11.33 10.99
CA VAL B 176 -2.60 11.26 9.94
C VAL B 176 -1.96 11.02 8.58
N ILE B 177 -0.91 11.78 8.28
CA ILE B 177 -0.21 11.63 7.01
C ILE B 177 0.20 10.18 6.77
N SER B 178 0.75 9.54 7.80
CA SER B 178 1.21 8.15 7.69
C SER B 178 0.09 7.11 7.76
N VAL B 179 -0.65 7.10 8.86
CA VAL B 179 -1.72 6.12 9.04
C VAL B 179 -2.80 6.18 7.96
N MET B 180 -3.42 7.35 7.78
CA MET B 180 -4.48 7.50 6.81
C MET B 180 -4.01 7.49 5.35
N GLY B 181 -2.82 8.01 5.11
CA GLY B 181 -2.32 8.05 3.75
C GLY B 181 -1.57 6.81 3.27
N TYR B 182 -0.92 6.09 4.18
CA TYR B 182 -0.15 4.91 3.79
C TYR B 182 -0.51 3.62 4.52
N GLY B 183 -1.28 3.75 5.59
CA GLY B 183 -1.67 2.58 6.36
C GLY B 183 -2.98 1.95 5.89
N ASN B 184 -4.04 2.74 5.87
CA ASN B 184 -5.35 2.23 5.46
C ASN B 184 -5.88 2.86 4.18
N GLY B 185 -5.07 3.70 3.56
CA GLY B 185 -5.45 4.33 2.31
C GLY B 185 -6.70 5.19 2.25
N ILE B 186 -7.17 5.66 3.40
CA ILE B 186 -8.36 6.50 3.43
C ILE B 186 -8.08 7.92 2.92
N PHE B 187 -6.86 8.40 3.14
CA PHE B 187 -6.43 9.73 2.69
C PHE B 187 -5.37 9.58 1.60
N ALA B 188 -5.11 10.67 0.88
CA ALA B 188 -4.09 10.64 -0.18
C ALA B 188 -2.74 10.30 0.45
N PRO B 189 -1.88 9.57 -0.28
CA PRO B 189 -2.03 9.06 -1.64
C PRO B 189 -2.80 7.75 -1.78
N GLY B 190 -3.49 7.35 -0.70
CA GLY B 190 -4.28 6.13 -0.75
C GLY B 190 -3.53 4.81 -0.69
N HIS B 191 -2.38 4.78 -0.04
CA HIS B 191 -1.63 3.53 0.06
C HIS B 191 -2.09 2.69 1.23
N VAL B 192 -1.92 1.38 1.11
CA VAL B 192 -2.29 0.43 2.15
C VAL B 192 -1.08 -0.48 2.36
N SER B 193 -0.53 -0.44 3.57
CA SER B 193 0.65 -1.25 3.87
C SER B 193 0.90 -1.37 5.37
N ASN B 194 1.60 -2.43 5.76
CA ASN B 194 1.93 -2.65 7.17
C ASN B 194 3.36 -2.17 7.38
N THR B 195 3.94 -1.59 6.33
CA THR B 195 5.31 -1.11 6.37
C THR B 195 5.46 0.38 6.05
N GLU B 196 4.84 0.82 4.96
CA GLU B 196 4.93 2.22 4.54
C GLU B 196 4.55 3.27 5.58
N PRO B 197 3.48 3.05 6.36
CA PRO B 197 3.16 4.10 7.35
C PRO B 197 4.29 4.37 8.34
N TRP B 198 5.01 3.31 8.72
CA TRP B 198 6.11 3.45 9.67
C TRP B 198 7.33 4.06 9.02
N ILE B 199 7.53 3.78 7.74
CA ILE B 199 8.65 4.33 6.97
C ILE B 199 8.42 5.81 6.73
N VAL B 200 7.20 6.15 6.33
CA VAL B 200 6.82 7.53 6.07
C VAL B 200 6.97 8.38 7.35
N SER B 201 6.55 7.82 8.47
CA SER B 201 6.64 8.51 9.74
C SER B 201 8.11 8.79 10.08
N HIS B 202 8.94 7.77 9.87
CA HIS B 202 10.38 7.87 10.13
C HIS B 202 10.99 8.98 9.29
N HIS B 203 10.70 8.98 8.00
CA HIS B 203 11.23 9.98 7.08
C HIS B 203 10.73 11.39 7.35
N ILE B 204 9.47 11.51 7.77
CA ILE B 204 8.91 12.83 8.07
C ILE B 204 9.56 13.40 9.33
N ILE B 205 9.80 12.55 10.32
CA ILE B 205 10.45 13.00 11.55
C ILE B 205 11.84 13.53 11.18
N LEU B 206 12.50 12.85 10.25
CA LEU B 206 13.82 13.27 9.81
C LEU B 206 13.77 14.56 8.98
N ALA B 207 12.81 14.63 8.05
CA ALA B 207 12.66 15.82 7.23
C ALA B 207 12.37 17.02 8.13
N HIS B 208 11.57 16.79 9.16
CA HIS B 208 11.23 17.83 10.12
C HIS B 208 12.50 18.32 10.80
N ALA B 209 13.26 17.38 11.35
CA ALA B 209 14.50 17.71 12.06
C ALA B 209 15.49 18.47 11.19
N HIS B 210 15.58 18.10 9.91
CA HIS B 210 16.50 18.77 9.00
C HIS B 210 16.05 20.19 8.72
N ALA B 211 14.74 20.38 8.56
CA ALA B 211 14.20 21.71 8.30
C ALA B 211 14.39 22.63 9.51
N VAL B 212 14.27 22.04 10.70
CA VAL B 212 14.43 22.80 11.94
C VAL B 212 15.89 23.19 12.12
N LYS B 213 16.81 22.28 11.83
CA LYS B 213 18.23 22.60 11.97
C LYS B 213 18.57 23.72 11.00
N LEU B 214 18.03 23.63 9.79
CA LEU B 214 18.26 24.65 8.77
C LEU B 214 17.78 26.00 9.28
N TYR B 215 16.58 26.03 9.83
CA TYR B 215 16.01 27.27 10.35
C TYR B 215 16.89 27.86 11.44
N ARG B 216 17.30 27.03 12.39
CA ARG B 216 18.14 27.47 13.49
C ARG B 216 19.51 27.97 13.04
N ASP B 217 20.11 27.24 12.09
CA ASP B 217 21.43 27.59 11.59
C ASP B 217 21.47 28.80 10.65
N GLU B 218 20.43 28.96 9.83
CA GLU B 218 20.43 30.04 8.85
C GLU B 218 19.42 31.17 8.97
N PHE B 219 18.36 30.99 9.76
CA PHE B 219 17.34 32.04 9.82
C PHE B 219 16.89 32.54 11.19
N LYS B 220 16.87 31.67 12.19
CA LYS B 220 16.39 32.04 13.52
C LYS B 220 16.99 33.31 14.12
N GLU B 221 18.32 33.42 14.07
CA GLU B 221 19.03 34.57 14.63
C GLU B 221 18.58 35.88 13.98
N LYS B 222 18.59 35.91 12.65
CA LYS B 222 18.22 37.12 11.92
C LYS B 222 16.72 37.39 11.88
N GLN B 223 15.90 36.34 11.82
CA GLN B 223 14.45 36.55 11.74
C GLN B 223 13.73 36.54 13.08
N GLY B 224 14.40 36.06 14.12
CA GLY B 224 13.83 36.02 15.45
C GLY B 224 12.54 35.24 15.60
N GLY B 225 12.46 34.10 14.93
CA GLY B 225 11.25 33.29 15.01
C GLY B 225 11.45 31.98 15.73
N GLN B 226 10.42 31.16 15.72
CA GLN B 226 10.46 29.85 16.36
C GLN B 226 9.81 28.86 15.40
N ILE B 227 10.18 27.59 15.53
CA ILE B 227 9.63 26.57 14.64
C ILE B 227 9.34 25.30 15.42
N GLY B 228 8.19 24.69 15.12
CA GLY B 228 7.80 23.47 15.80
C GLY B 228 6.99 22.56 14.90
N ILE B 229 6.48 21.47 15.49
CA ILE B 229 5.67 20.52 14.73
C ILE B 229 4.32 20.38 15.41
N THR B 230 3.28 20.11 14.61
CA THR B 230 1.94 19.95 15.14
C THR B 230 1.55 18.49 15.13
N LEU B 231 1.24 17.97 16.31
CA LEU B 231 0.85 16.57 16.47
C LEU B 231 -0.58 16.49 17.01
N ASP B 232 -1.35 15.53 16.51
CA ASP B 232 -2.72 15.35 16.98
C ASP B 232 -2.76 14.28 18.06
N SER B 233 -3.64 14.47 19.03
CA SER B 233 -3.80 13.54 20.13
C SER B 233 -5.09 13.83 20.89
N HIS B 234 -5.82 12.77 21.26
CA HIS B 234 -7.03 12.94 22.05
C HIS B 234 -6.54 12.65 23.45
N TRP B 235 -7.38 12.87 24.46
CA TRP B 235 -6.97 12.51 25.80
C TRP B 235 -7.46 11.07 25.88
N LEU B 236 -6.70 10.20 26.52
CA LEU B 236 -7.10 8.80 26.63
C LEU B 236 -7.30 8.39 28.08
N ILE B 237 -8.39 7.64 28.31
CA ILE B 237 -8.74 7.18 29.64
C ILE B 237 -9.02 5.68 29.60
N PRO B 238 -8.47 4.93 30.58
CA PRO B 238 -8.69 3.48 30.61
C PRO B 238 -10.19 3.19 30.77
N TYR B 239 -10.72 2.32 29.92
CA TYR B 239 -12.14 1.95 29.98
C TYR B 239 -12.53 1.53 31.41
N ASP B 240 -11.70 0.69 32.01
CA ASP B 240 -11.92 0.25 33.39
C ASP B 240 -10.59 0.27 34.14
N ASP B 241 -10.59 -0.16 35.41
CA ASP B 241 -9.38 -0.13 36.22
C ASP B 241 -8.47 -1.36 36.13
N THR B 242 -8.69 -2.24 35.16
CA THR B 242 -7.86 -3.43 35.04
C THR B 242 -6.47 -3.07 34.51
N ASP B 243 -5.51 -3.98 34.72
CA ASP B 243 -4.15 -3.75 34.25
C ASP B 243 -4.10 -3.74 32.73
N ALA B 244 -4.95 -4.56 32.10
CA ALA B 244 -5.01 -4.64 30.66
C ALA B 244 -5.46 -3.33 30.04
N SER B 245 -6.39 -2.64 30.71
CA SER B 245 -6.91 -1.37 30.21
C SER B 245 -5.88 -0.27 30.42
N LYS B 246 -5.13 -0.35 31.51
CA LYS B 246 -4.10 0.63 31.82
C LYS B 246 -3.01 0.53 30.75
N GLU B 247 -2.56 -0.71 30.51
CA GLU B 247 -1.51 -0.96 29.54
C GLU B 247 -1.97 -0.59 28.13
N ALA B 248 -3.22 -0.90 27.80
CA ALA B 248 -3.77 -0.59 26.48
C ALA B 248 -3.78 0.91 26.24
N THR B 249 -4.11 1.68 27.28
CA THR B 249 -4.15 3.13 27.18
C THR B 249 -2.72 3.65 26.93
N LEU B 250 -1.77 3.13 27.70
CA LEU B 250 -0.39 3.54 27.53
C LEU B 250 0.09 3.19 26.12
N ARG B 251 -0.33 2.01 25.64
CA ARG B 251 0.05 1.57 24.30
C ARG B 251 -0.58 2.46 23.24
N ALA B 252 -1.85 2.81 23.43
CA ALA B 252 -2.56 3.67 22.50
C ALA B 252 -1.89 5.03 22.37
N MET B 253 -1.46 5.58 23.49
CA MET B 253 -0.77 6.88 23.50
C MET B 253 0.52 6.83 22.72
N GLU B 254 1.22 5.69 22.80
CA GLU B 254 2.48 5.53 22.08
C GLU B 254 2.24 5.50 20.57
N PHE B 255 1.23 4.74 20.14
CA PHE B 255 0.92 4.61 18.71
C PHE B 255 0.33 5.86 18.09
N LYS B 256 -0.31 6.69 18.91
CA LYS B 256 -0.90 7.92 18.42
C LYS B 256 0.07 9.10 18.49
N LEU B 257 0.62 9.33 19.67
CA LEU B 257 1.50 10.47 19.92
C LEU B 257 2.96 10.15 20.25
N GLY B 258 3.16 9.19 21.15
CA GLY B 258 4.50 8.83 21.58
C GLY B 258 5.53 8.53 20.51
N ARG B 259 5.14 7.85 19.44
CA ARG B 259 6.10 7.51 18.38
C ARG B 259 6.59 8.73 17.60
N PHE B 260 6.05 9.89 17.92
CA PHE B 260 6.46 11.13 17.27
C PHE B 260 7.07 12.07 18.30
N ALA B 261 6.35 12.29 19.39
CA ALA B 261 6.79 13.19 20.44
C ALA B 261 8.04 12.73 21.19
N ASN B 262 8.16 11.44 21.47
CA ASN B 262 9.33 10.98 22.20
C ASN B 262 10.62 11.21 21.41
N PRO B 263 10.65 10.84 20.12
CA PRO B 263 11.87 11.05 19.32
C PRO B 263 12.23 12.53 19.26
N ILE B 264 11.24 13.36 18.95
CA ILE B 264 11.44 14.80 18.82
C ILE B 264 11.71 15.56 20.10
N TYR B 265 11.07 15.17 21.20
CA TYR B 265 11.26 15.86 22.47
C TYR B 265 12.17 15.18 23.48
N LYS B 266 12.16 13.85 23.49
CA LYS B 266 12.98 13.11 24.45
C LYS B 266 14.22 12.42 23.87
N GLY B 267 14.13 11.91 22.64
CA GLY B 267 15.30 11.28 22.06
C GLY B 267 15.10 10.10 21.11
N GLU B 268 14.31 9.10 21.52
CA GLU B 268 14.09 7.93 20.68
C GLU B 268 12.62 7.54 20.58
N TYR B 269 12.37 6.41 19.93
CA TYR B 269 11.01 5.89 19.80
C TYR B 269 10.64 5.28 21.16
N PRO B 270 9.34 5.28 21.50
CA PRO B 270 8.93 4.71 22.79
C PRO B 270 9.10 3.19 22.71
N PRO B 271 9.18 2.52 23.88
CA PRO B 271 9.37 1.06 23.99
C PRO B 271 8.34 0.10 23.40
N ARG B 272 7.06 0.35 23.64
CA ARG B 272 6.01 -0.54 23.15
C ARG B 272 5.91 -0.72 21.64
N ILE B 273 5.94 0.38 20.89
CA ILE B 273 5.82 0.29 19.45
C ILE B 273 6.94 -0.50 18.78
N LYS B 274 8.15 -0.36 19.29
CA LYS B 274 9.30 -1.06 18.73
C LYS B 274 9.14 -2.58 18.86
N LYS B 275 8.59 -3.02 19.96
CA LYS B 275 8.41 -4.45 20.18
C LYS B 275 7.35 -5.03 19.25
N ILE B 276 6.25 -4.30 19.09
CA ILE B 276 5.15 -4.77 18.25
C ILE B 276 5.47 -4.79 16.77
N LEU B 277 6.09 -3.73 16.27
CA LEU B 277 6.42 -3.61 14.87
C LEU B 277 7.73 -4.29 14.43
N GLY B 278 8.60 -4.60 15.38
CA GLY B 278 9.85 -5.25 15.04
C GLY B 278 10.67 -4.52 13.98
N ASP B 279 11.13 -5.25 12.97
CA ASP B 279 11.93 -4.68 11.90
C ASP B 279 11.18 -3.76 10.94
N ARG B 280 9.86 -3.69 11.07
CA ARG B 280 9.08 -2.82 10.20
C ARG B 280 9.20 -1.37 10.66
N LEU B 281 9.74 -1.18 11.85
CA LEU B 281 9.95 0.17 12.38
C LEU B 281 11.41 0.50 12.13
N PRO B 282 11.68 1.53 11.31
CA PRO B 282 13.07 1.92 11.03
C PRO B 282 13.82 2.32 12.31
N GLU B 283 15.14 2.20 12.26
CA GLU B 283 15.96 2.56 13.41
C GLU B 283 16.78 3.78 13.10
N PHE B 284 16.78 4.73 14.05
CA PHE B 284 17.56 5.96 13.90
C PHE B 284 19.01 5.58 14.14
N THR B 285 19.89 6.32 13.48
CA THR B 285 21.33 6.16 13.63
C THR B 285 21.64 7.06 14.82
N PRO B 286 22.80 6.85 15.48
CA PRO B 286 23.18 7.66 16.64
C PRO B 286 23.11 9.15 16.35
N GLU B 287 23.54 9.52 15.14
CA GLU B 287 23.54 10.91 14.71
C GLU B 287 22.13 11.43 14.46
N GLU B 288 21.24 10.58 13.96
CA GLU B 288 19.87 11.01 13.70
C GLU B 288 19.14 11.26 15.02
N ILE B 289 19.40 10.42 16.01
CA ILE B 289 18.77 10.59 17.31
C ILE B 289 19.15 11.96 17.87
N GLU B 290 20.39 12.37 17.60
CA GLU B 290 20.91 13.64 18.06
C GLU B 290 20.27 14.81 17.31
N LEU B 291 20.07 14.62 16.00
CA LEU B 291 19.46 15.65 15.18
C LEU B 291 18.00 15.85 15.55
N VAL B 292 17.29 14.75 15.71
CA VAL B 292 15.86 14.77 16.03
C VAL B 292 15.53 15.23 17.45
N LYS B 293 16.30 14.77 18.43
CA LYS B 293 16.05 15.16 19.81
C LYS B 293 16.14 16.67 19.96
N GLY B 294 15.12 17.26 20.57
CA GLY B 294 15.08 18.69 20.79
C GLY B 294 14.83 19.51 19.53
N SER B 295 14.19 18.90 18.54
CA SER B 295 13.94 19.58 17.26
C SER B 295 12.61 20.33 17.14
N SER B 296 12.06 20.78 18.25
CA SER B 296 10.81 21.54 18.21
C SER B 296 10.82 22.62 19.28
N ASP B 297 10.73 23.87 18.87
CA ASP B 297 10.73 25.00 19.80
C ASP B 297 9.47 25.07 20.64
N PHE B 298 8.36 24.59 20.09
CA PHE B 298 7.09 24.62 20.79
C PHE B 298 6.27 23.40 20.42
N PHE B 299 5.40 22.97 21.32
CA PHE B 299 4.56 21.80 21.05
C PHE B 299 3.26 22.22 20.37
N GLY B 300 3.15 21.92 19.09
CA GLY B 300 1.93 22.24 18.36
C GLY B 300 0.97 21.10 18.60
N LEU B 301 -0.23 21.42 19.09
CA LEU B 301 -1.22 20.39 19.38
C LEU B 301 -2.57 20.58 18.71
N ASN B 302 -3.05 19.52 18.07
CA ASN B 302 -4.37 19.52 17.45
C ASN B 302 -5.11 18.47 18.27
N THR B 303 -6.23 18.86 18.87
CA THR B 303 -6.99 17.91 19.68
C THR B 303 -8.47 18.19 19.54
N TYR B 304 -9.29 17.15 19.58
CA TYR B 304 -10.73 17.28 19.41
C TYR B 304 -11.62 16.59 20.42
N THR B 305 -11.16 15.47 20.98
CA THR B 305 -12.01 14.74 21.91
C THR B 305 -11.23 13.86 22.88
N THR B 306 -11.95 13.00 23.59
CA THR B 306 -11.36 12.10 24.56
C THR B 306 -11.90 10.71 24.24
N HIS B 307 -11.09 9.68 24.51
CA HIS B 307 -11.49 8.31 24.26
C HIS B 307 -11.24 7.40 25.45
N LEU B 308 -12.12 6.42 25.63
CA LEU B 308 -11.98 5.42 26.68
C LEU B 308 -11.27 4.28 25.96
N VAL B 309 -10.23 3.74 26.57
CA VAL B 309 -9.45 2.68 25.91
C VAL B 309 -9.52 1.28 26.54
N GLN B 310 -9.72 0.29 25.68
CA GLN B 310 -9.77 -1.11 26.09
C GLN B 310 -8.74 -1.86 25.27
N ASP B 311 -8.30 -3.00 25.80
CA ASP B 311 -7.34 -3.85 25.10
C ASP B 311 -8.12 -4.72 24.14
N GLY B 312 -7.43 -5.43 23.25
CA GLY B 312 -8.11 -6.32 22.31
C GLY B 312 -8.40 -5.79 20.92
N GLY B 313 -7.76 -4.69 20.54
CA GLY B 313 -7.98 -4.16 19.20
C GLY B 313 -7.31 -5.04 18.16
N SER B 314 -7.89 -5.10 16.96
CA SER B 314 -7.34 -5.91 15.88
C SER B 314 -6.55 -5.09 14.88
N ASP B 315 -6.67 -3.76 14.96
CA ASP B 315 -5.98 -2.86 14.05
C ASP B 315 -4.60 -2.48 14.58
N GLU B 316 -3.55 -2.93 13.89
CA GLU B 316 -2.19 -2.62 14.29
C GLU B 316 -1.90 -1.12 14.21
N LEU B 317 -2.51 -0.46 13.25
CA LEU B 317 -2.30 0.97 13.07
C LEU B 317 -2.70 1.76 14.32
N ALA B 318 -3.66 1.23 15.07
CA ALA B 318 -4.13 1.89 16.28
C ALA B 318 -3.43 1.33 17.53
N GLY B 319 -2.52 0.39 17.32
CA GLY B 319 -1.81 -0.19 18.45
C GLY B 319 -2.56 -1.32 19.12
N PHE B 320 -3.44 -1.97 18.36
CA PHE B 320 -4.22 -3.09 18.88
C PHE B 320 -5.02 -2.72 20.12
N VAL B 321 -5.81 -1.66 20.02
CA VAL B 321 -6.64 -1.23 21.12
C VAL B 321 -8.02 -0.90 20.59
N LYS B 322 -8.98 -0.73 21.49
CA LYS B 322 -10.33 -0.37 21.11
C LYS B 322 -10.62 0.93 21.83
N THR B 323 -11.15 1.91 21.09
CA THR B 323 -11.45 3.20 21.68
C THR B 323 -12.91 3.56 21.45
N GLY B 324 -13.47 4.31 22.39
CA GLY B 324 -14.86 4.71 22.27
C GLY B 324 -15.20 5.85 23.20
N HIS B 325 -16.47 6.23 23.22
CA HIS B 325 -16.93 7.31 24.08
C HIS B 325 -18.11 6.85 24.92
N THR B 326 -18.14 5.55 25.20
CA THR B 326 -19.21 4.96 26.00
C THR B 326 -18.62 4.28 27.24
N ARG B 327 -18.94 4.81 28.41
CA ARG B 327 -18.43 4.25 29.67
C ARG B 327 -19.00 2.86 29.92
N ALA B 328 -18.44 2.19 30.93
CA ALA B 328 -18.90 0.85 31.29
C ALA B 328 -20.37 0.85 31.68
N ASP B 329 -20.85 1.99 32.18
CA ASP B 329 -22.25 2.09 32.58
C ASP B 329 -23.15 2.52 31.42
N GLY B 330 -22.57 2.65 30.24
CA GLY B 330 -23.34 3.03 29.07
C GLY B 330 -23.46 4.52 28.78
N THR B 331 -23.13 5.35 29.76
CA THR B 331 -23.22 6.79 29.55
C THR B 331 -22.20 7.28 28.52
N GLN B 332 -22.48 8.43 27.94
CA GLN B 332 -21.61 9.02 26.92
C GLN B 332 -20.67 10.05 27.54
N LEU B 333 -19.56 10.32 26.86
CA LEU B 333 -18.59 11.30 27.35
C LEU B 333 -19.17 12.70 27.22
N GLY B 334 -19.87 12.94 26.12
CA GLY B 334 -20.46 14.25 25.89
C GLY B 334 -21.27 14.35 24.61
N THR B 335 -21.69 15.57 24.29
CA THR B 335 -22.49 15.83 23.10
C THR B 335 -21.88 15.21 21.84
N GLN B 336 -22.72 14.54 21.08
CA GLN B 336 -22.30 13.86 19.86
C GLN B 336 -22.18 14.82 18.68
N SER B 337 -21.01 14.81 18.02
CA SER B 337 -20.78 15.66 16.86
C SER B 337 -21.17 14.90 15.61
N ASP B 338 -21.04 15.56 14.45
CA ASP B 338 -21.37 14.94 13.17
C ASP B 338 -20.48 13.72 12.90
N MET B 339 -19.34 13.64 13.58
CA MET B 339 -18.46 12.50 13.41
C MET B 339 -18.55 11.60 14.63
N GLY B 340 -18.86 10.33 14.39
CA GLY B 340 -19.02 9.37 15.46
C GLY B 340 -18.02 9.39 16.59
N TRP B 341 -16.74 9.32 16.25
CA TRP B 341 -15.65 9.30 17.24
C TRP B 341 -15.46 10.57 18.04
N LEU B 342 -16.04 11.67 17.60
CA LEU B 342 -15.85 12.95 18.27
C LEU B 342 -17.01 13.43 19.13
N GLN B 343 -16.77 13.49 20.44
CA GLN B 343 -17.76 13.97 21.40
C GLN B 343 -17.14 15.08 22.24
N THR B 344 -17.98 15.95 22.76
CA THR B 344 -17.54 17.07 23.58
C THR B 344 -17.10 16.62 24.97
N TYR B 345 -15.85 16.89 25.32
CA TYR B 345 -15.35 16.51 26.65
C TYR B 345 -14.20 17.43 27.08
N GLY B 346 -14.58 18.63 27.55
CA GLY B 346 -13.60 19.60 27.98
C GLY B 346 -12.59 19.14 29.02
N PRO B 347 -13.02 18.37 30.04
CA PRO B 347 -12.09 17.90 31.06
C PRO B 347 -10.86 17.20 30.48
N GLY B 348 -11.07 16.45 29.40
CA GLY B 348 -9.97 15.74 28.78
C GLY B 348 -8.93 16.69 28.21
N PHE B 349 -9.41 17.86 27.76
CA PHE B 349 -8.55 18.89 27.18
C PHE B 349 -7.63 19.43 28.26
N ARG B 350 -8.18 19.63 29.45
CA ARG B 350 -7.39 20.14 30.57
C ARG B 350 -6.28 19.15 30.95
N TRP B 351 -6.65 17.86 31.01
CA TRP B 351 -5.68 16.83 31.35
C TRP B 351 -4.58 16.71 30.31
N LEU B 352 -4.96 16.78 29.03
CA LEU B 352 -4.01 16.66 27.95
C LEU B 352 -3.00 17.80 27.94
N LEU B 353 -3.47 19.02 28.17
CA LEU B 353 -2.59 20.17 28.20
C LEU B 353 -1.53 20.03 29.30
N ASN B 354 -1.95 19.60 30.48
CA ASN B 354 -1.02 19.42 31.59
C ASN B 354 -0.08 18.26 31.30
N TYR B 355 -0.62 17.18 30.74
CA TYR B 355 0.15 15.99 30.39
C TYR B 355 1.28 16.35 29.42
N LEU B 356 0.94 17.11 28.39
CA LEU B 356 1.91 17.52 27.38
C LEU B 356 2.97 18.46 27.92
N TRP B 357 2.56 19.44 28.73
CA TRP B 357 3.52 20.39 29.30
C TRP B 357 4.51 19.65 30.21
N LYS B 358 4.01 18.74 31.02
CA LYS B 358 4.85 17.99 31.94
C LYS B 358 5.71 16.94 31.24
N ALA B 359 5.13 16.26 30.26
CA ALA B 359 5.85 15.22 29.54
C ALA B 359 6.93 15.69 28.59
N TYR B 360 6.69 16.79 27.88
CA TYR B 360 7.67 17.25 26.90
C TYR B 360 8.33 18.60 27.16
N ASP B 361 7.89 19.27 28.22
CA ASP B 361 8.46 20.54 28.66
C ASP B 361 8.67 21.64 27.62
N LYS B 362 7.73 21.78 26.69
CA LYS B 362 7.82 22.82 25.68
C LYS B 362 6.50 23.60 25.66
N PRO B 363 6.56 24.92 25.45
CA PRO B 363 5.33 25.72 25.41
C PRO B 363 4.34 25.10 24.44
N VAL B 364 3.09 24.97 24.86
CA VAL B 364 2.06 24.38 24.02
C VAL B 364 1.23 25.39 23.26
N TYR B 365 1.03 25.14 21.98
CA TYR B 365 0.20 25.98 21.13
C TYR B 365 -0.86 25.04 20.58
N VAL B 366 -2.12 25.27 20.93
CA VAL B 366 -3.20 24.44 20.43
C VAL B 366 -3.50 24.96 19.03
N THR B 367 -2.89 24.33 18.03
CA THR B 367 -3.05 24.75 16.64
C THR B 367 -4.38 24.39 15.99
N GLU B 368 -5.19 23.60 16.67
CA GLU B 368 -6.52 23.22 16.18
C GLU B 368 -7.39 22.64 17.30
N ASN B 369 -8.63 23.11 17.36
CA ASN B 369 -9.62 22.63 18.31
C ASN B 369 -10.94 23.15 17.78
N GLY B 370 -11.87 22.24 17.52
CA GLY B 370 -13.15 22.65 16.97
C GLY B 370 -14.20 21.57 17.09
N PHE B 371 -15.38 21.83 16.53
CA PHE B 371 -16.48 20.90 16.63
C PHE B 371 -17.43 20.95 15.42
N PRO B 372 -17.78 19.78 14.87
CA PRO B 372 -18.69 19.74 13.72
C PRO B 372 -20.10 19.39 14.22
N VAL B 373 -21.00 20.36 14.24
CA VAL B 373 -22.37 20.12 14.71
C VAL B 373 -23.03 19.00 13.89
N LYS B 374 -23.63 18.04 14.59
CA LYS B 374 -24.28 16.93 13.93
C LYS B 374 -25.42 17.35 12.99
N GLY B 375 -25.33 16.91 11.75
CA GLY B 375 -26.33 17.22 10.74
C GLY B 375 -26.41 18.68 10.31
N GLU B 376 -25.42 19.48 10.69
CA GLU B 376 -25.44 20.90 10.33
C GLU B 376 -25.49 21.18 8.83
N ASN B 377 -24.99 20.24 8.03
CA ASN B 377 -24.98 20.42 6.58
C ASN B 377 -26.40 20.46 6.00
N ASP B 378 -27.37 19.95 6.76
CA ASP B 378 -28.76 19.93 6.30
C ASP B 378 -29.55 21.16 6.75
N LEU B 379 -28.90 22.05 7.50
CA LEU B 379 -29.57 23.25 8.01
C LEU B 379 -29.37 24.48 7.13
N PRO B 380 -30.45 25.24 6.90
CA PRO B 380 -30.35 26.45 6.09
C PRO B 380 -29.56 27.46 6.93
N VAL B 381 -28.90 28.40 6.28
CA VAL B 381 -28.07 29.38 6.99
C VAL B 381 -28.67 29.96 8.27
N GLU B 382 -29.95 30.35 8.24
CA GLU B 382 -30.58 30.93 9.42
C GLU B 382 -30.57 30.01 10.64
N GLN B 383 -30.58 28.71 10.41
CA GLN B 383 -30.55 27.76 11.52
C GLN B 383 -29.12 27.38 11.84
N ALA B 384 -28.28 27.31 10.82
CA ALA B 384 -26.88 26.96 10.99
C ALA B 384 -26.16 27.96 11.90
N VAL B 385 -26.47 29.24 11.77
CA VAL B 385 -25.83 30.26 12.59
C VAL B 385 -26.08 30.08 14.09
N ASP B 386 -27.19 29.44 14.44
CA ASP B 386 -27.48 29.19 15.85
C ASP B 386 -26.85 27.86 16.24
N ASP B 387 -25.53 27.76 16.10
CA ASP B 387 -24.81 26.53 16.40
C ASP B 387 -24.57 26.30 17.89
N THR B 388 -25.66 26.04 18.62
CA THR B 388 -25.61 25.80 20.05
C THR B 388 -24.56 24.80 20.50
N ASP B 389 -24.50 23.64 19.86
CA ASP B 389 -23.52 22.62 20.23
C ASP B 389 -22.08 23.06 20.04
N ARG B 390 -21.82 23.86 19.01
CA ARG B 390 -20.46 24.34 18.76
C ARG B 390 -20.06 25.38 19.80
N GLN B 391 -21.02 26.22 20.20
CA GLN B 391 -20.77 27.24 21.21
C GLN B 391 -20.52 26.56 22.54
N ALA B 392 -21.29 25.52 22.82
CA ALA B 392 -21.15 24.75 24.05
C ALA B 392 -19.77 24.08 24.10
N TYR B 393 -19.33 23.57 22.95
CA TYR B 393 -18.03 22.91 22.86
C TYR B 393 -16.92 23.90 23.21
N TYR B 394 -16.93 25.05 22.55
CA TYR B 394 -15.92 26.07 22.80
C TYR B 394 -15.97 26.61 24.22
N ARG B 395 -17.18 26.65 24.79
CA ARG B 395 -17.35 27.12 26.16
C ARG B 395 -16.61 26.18 27.10
N ASP B 396 -16.79 24.87 26.89
CA ASP B 396 -16.15 23.86 27.72
C ASP B 396 -14.64 23.78 27.52
N TYR B 397 -14.19 23.87 26.27
CA TYR B 397 -12.78 23.79 26.00
C TYR B 397 -11.99 25.05 26.37
N THR B 398 -12.58 26.22 26.19
CA THR B 398 -11.89 27.44 26.56
C THR B 398 -11.76 27.47 28.09
N GLU B 399 -12.76 26.93 28.77
CA GLU B 399 -12.74 26.87 30.23
C GLU B 399 -11.61 25.93 30.66
N ALA B 400 -11.50 24.80 29.97
CA ALA B 400 -10.45 23.83 30.27
C ALA B 400 -9.09 24.49 30.04
N LEU B 401 -9.01 25.31 29.00
CA LEU B 401 -7.77 26.02 28.67
C LEU B 401 -7.40 27.00 29.79
N LEU B 402 -8.39 27.78 30.22
CA LEU B 402 -8.17 28.76 31.29
C LEU B 402 -7.69 28.09 32.57
N GLN B 403 -8.31 26.96 32.92
CA GLN B 403 -7.93 26.23 34.12
C GLN B 403 -6.51 25.68 34.06
N ALA B 404 -6.19 25.03 32.94
CA ALA B 404 -4.86 24.45 32.77
C ALA B 404 -3.78 25.52 32.95
N VAL B 405 -3.98 26.67 32.35
CA VAL B 405 -3.01 27.77 32.42
C VAL B 405 -3.00 28.55 33.74
N THR B 406 -4.16 29.01 34.17
CA THR B 406 -4.25 29.81 35.39
C THR B 406 -4.27 29.02 36.70
N GLU B 407 -4.73 27.77 36.67
CA GLU B 407 -4.79 26.95 37.87
C GLU B 407 -3.73 25.87 37.96
N ASP B 408 -3.46 25.20 36.84
CA ASP B 408 -2.49 24.11 36.83
C ASP B 408 -1.07 24.50 36.44
N GLY B 409 -0.89 25.73 35.98
CA GLY B 409 0.45 26.17 35.61
C GLY B 409 0.97 25.64 34.29
N ALA B 410 0.07 25.11 33.45
CA ALA B 410 0.48 24.59 32.15
C ALA B 410 0.93 25.75 31.27
N ASP B 411 2.06 25.58 30.58
CA ASP B 411 2.56 26.64 29.72
C ASP B 411 1.94 26.52 28.33
N VAL B 412 0.79 27.15 28.16
CA VAL B 412 0.07 27.15 26.90
C VAL B 412 0.09 28.60 26.44
N ARG B 413 0.53 28.84 25.22
CA ARG B 413 0.65 30.20 24.71
C ARG B 413 -0.21 30.56 23.50
N GLY B 414 -0.99 29.60 23.02
CA GLY B 414 -1.82 29.88 21.86
C GLY B 414 -2.99 28.93 21.72
N TYR B 415 -4.04 29.41 21.07
CA TYR B 415 -5.24 28.61 20.85
C TYR B 415 -5.85 29.01 19.50
N PHE B 416 -5.98 28.03 18.61
CA PHE B 416 -6.55 28.26 17.29
C PHE B 416 -7.76 27.37 17.08
N GLY B 417 -8.89 27.98 16.76
CA GLY B 417 -10.08 27.19 16.53
C GLY B 417 -10.15 26.67 15.10
N TRP B 418 -10.56 25.41 14.96
CA TRP B 418 -10.74 24.86 13.62
C TRP B 418 -12.25 24.83 13.42
N SER B 419 -12.75 25.58 12.45
CA SER B 419 -11.95 26.42 11.56
C SER B 419 -12.61 27.78 11.37
N LEU B 420 -11.91 28.68 10.70
CA LEU B 420 -12.46 30.01 10.42
C LEU B 420 -13.72 29.88 9.57
N LEU B 421 -13.70 28.93 8.63
CA LEU B 421 -14.82 28.73 7.71
C LEU B 421 -15.17 27.26 7.53
N ASP B 422 -16.42 26.98 7.14
CA ASP B 422 -16.81 25.59 6.85
C ASP B 422 -15.92 25.33 5.64
N ASN B 423 -15.42 24.11 5.47
CA ASN B 423 -14.56 23.82 4.33
C ASN B 423 -14.52 22.36 3.90
N PHE B 424 -13.61 22.04 2.99
CA PHE B 424 -13.45 20.68 2.49
C PHE B 424 -12.84 19.79 3.56
N GLU B 425 -13.67 18.91 4.14
CA GLU B 425 -13.20 18.02 5.19
C GLU B 425 -12.69 16.69 4.64
N TRP B 426 -11.68 16.79 3.79
CA TRP B 426 -11.02 15.63 3.21
C TRP B 426 -11.95 14.53 2.69
N ALA B 427 -11.76 13.30 3.16
CA ALA B 427 -12.59 12.17 2.70
C ALA B 427 -14.09 12.33 3.00
N GLU B 428 -14.44 13.24 3.90
CA GLU B 428 -15.84 13.47 4.25
C GLU B 428 -16.48 14.49 3.32
N GLY B 429 -15.66 15.15 2.51
CA GLY B 429 -16.19 16.15 1.60
C GLY B 429 -16.64 17.39 2.36
N TYR B 430 -17.67 18.05 1.84
CA TYR B 430 -18.18 19.28 2.46
C TYR B 430 -19.30 19.04 3.47
N LYS B 431 -19.71 17.78 3.63
CA LYS B 431 -20.77 17.39 4.56
C LYS B 431 -20.49 17.75 6.01
N VAL B 432 -19.23 17.61 6.43
CA VAL B 432 -18.85 17.91 7.81
C VAL B 432 -18.47 19.39 7.90
N ARG B 433 -19.22 20.12 8.73
CA ARG B 433 -19.06 21.56 8.91
C ARG B 433 -18.33 21.90 10.22
N PHE B 434 -17.13 22.47 10.10
CA PHE B 434 -16.32 22.85 11.25
C PHE B 434 -16.17 24.34 11.52
N GLY B 435 -16.64 25.18 10.61
CA GLY B 435 -16.45 26.61 10.80
C GLY B 435 -17.29 27.35 11.83
N VAL B 436 -16.77 28.49 12.28
CA VAL B 436 -17.50 29.35 13.19
C VAL B 436 -18.18 30.35 12.24
N THR B 437 -17.93 30.13 10.96
CA THR B 437 -18.49 30.96 9.89
C THR B 437 -19.13 30.04 8.86
N HIS B 438 -20.40 30.28 8.56
CA HIS B 438 -21.11 29.47 7.57
C HIS B 438 -20.75 29.92 6.17
N VAL B 439 -20.62 28.97 5.25
CA VAL B 439 -20.31 29.29 3.87
C VAL B 439 -21.35 28.65 2.97
N ASP B 440 -21.92 29.44 2.06
CA ASP B 440 -22.90 28.91 1.12
C ASP B 440 -22.06 28.61 -0.12
N TYR B 441 -21.85 27.33 -0.39
CA TYR B 441 -21.02 26.92 -1.52
C TYR B 441 -21.55 27.32 -2.89
N GLU B 442 -22.81 27.73 -2.97
CA GLU B 442 -23.39 28.14 -4.25
C GLU B 442 -23.10 29.61 -4.53
N THR B 443 -22.94 30.39 -3.46
CA THR B 443 -22.67 31.83 -3.59
C THR B 443 -21.36 32.25 -2.93
N GLN B 444 -20.77 31.35 -2.15
CA GLN B 444 -19.52 31.61 -1.43
C GLN B 444 -19.72 32.67 -0.35
N LYS B 445 -20.97 33.01 -0.06
CA LYS B 445 -21.23 34.02 0.97
C LYS B 445 -20.87 33.50 2.36
N ARG B 446 -20.18 34.34 3.13
CA ARG B 446 -19.79 34.01 4.49
C ARG B 446 -20.80 34.60 5.46
N THR B 447 -21.25 33.80 6.43
CA THR B 447 -22.18 34.26 7.45
C THR B 447 -21.69 33.79 8.82
N PRO B 448 -21.25 34.72 9.67
CA PRO B 448 -20.77 34.35 11.00
C PRO B 448 -21.79 33.57 11.82
N LYS B 449 -21.33 32.53 12.50
CA LYS B 449 -22.21 31.74 13.35
C LYS B 449 -22.06 32.34 14.74
N LYS B 450 -23.00 32.04 15.64
CA LYS B 450 -22.91 32.59 16.99
C LYS B 450 -21.68 32.17 17.76
N SER B 451 -21.09 31.03 17.41
CA SER B 451 -19.90 30.56 18.10
C SER B 451 -18.75 31.54 17.86
N ALA B 452 -18.78 32.23 16.72
CA ALA B 452 -17.74 33.20 16.39
C ALA B 452 -17.77 34.37 17.39
N GLU B 453 -18.98 34.83 17.70
CA GLU B 453 -19.17 35.92 18.64
C GLU B 453 -18.70 35.45 20.02
N PHE B 454 -19.04 34.22 20.36
CA PHE B 454 -18.64 33.66 21.65
C PHE B 454 -17.13 33.69 21.86
N LEU B 455 -16.39 33.15 20.90
CA LEU B 455 -14.94 33.10 21.00
C LEU B 455 -14.29 34.49 21.02
N SER B 456 -14.79 35.40 20.20
CA SER B 456 -14.24 36.77 20.16
C SER B 456 -14.39 37.42 21.53
N ARG B 457 -15.56 37.24 22.12
CA ARG B 457 -15.84 37.83 23.42
C ARG B 457 -15.09 37.12 24.55
N TRP B 458 -15.07 35.80 24.54
CA TRP B 458 -14.37 35.06 25.58
C TRP B 458 -12.88 35.43 25.66
N PHE B 459 -12.20 35.46 24.52
CA PHE B 459 -10.78 35.78 24.52
C PHE B 459 -10.52 37.24 24.86
N LYS B 460 -11.43 38.11 24.43
CA LYS B 460 -11.31 39.54 24.73
C LYS B 460 -11.36 39.69 26.25
N GLU B 461 -12.29 38.98 26.87
CA GLU B 461 -12.47 39.06 28.32
C GLU B 461 -11.51 38.22 29.15
N HIS B 462 -10.88 37.21 28.54
CA HIS B 462 -9.98 36.36 29.29
C HIS B 462 -8.48 36.43 29.01
N ILE B 463 -8.06 37.42 28.24
CA ILE B 463 -6.64 37.61 27.96
C ILE B 463 -6.30 38.92 28.66
N GLU B 464 -5.29 38.87 29.54
CA GLU B 464 -4.88 40.05 30.29
C GLU B 464 -4.67 41.26 29.37
N GLU B 465 -5.14 42.42 29.82
CA GLU B 465 -5.02 43.65 29.05
C GLU B 465 -3.63 44.25 29.18
#